data_5YKR
#
_entry.id   5YKR
#
_cell.length_a   89.442
_cell.length_b   96.497
_cell.length_c   100.349
_cell.angle_alpha   90.00
_cell.angle_beta   90.00
_cell.angle_gamma   90.00
#
_symmetry.space_group_name_H-M   'P 21 21 21'
#
loop_
_entity.id
_entity.type
_entity.pdbx_description
1 polymer 'Probable aminotransferase'
2 water water
#
_entity_poly.entity_id   1
_entity_poly.type   'polypeptide(L)'
_entity_poly.pdbx_seq_one_letter_code
;MDTTFGLDLARVETLFKRELRRFDELHPRSAQAYRENRRHWLYGAPLHWMQQWPGNCPLLVKEAQGARVTDIDGQQYVDF
ALGDSGAMFGHAQPAVADAIARQARRGSTLMLPTEDSLWVGAELARRFGLPYWQVTTSATDANRFVLRLCRMLSGRDKVV
VFNCNYHGSVDESQVEFDAAGRMVPRAGVHPNGVRHATTTRLVEFNDLDALEAALAHGDVAAVLTEPFMTNVGMVPPAEG
FHAGLRELTRRHDVALIIDETHTISCGPAGYSGAHGLEPDFFVLG(LLP)CIAGGIPSAVWGCSQAQAERIWAVLPHFRP
GQAINHFGFGGTLAGNALQLAAMRATFAEVMTEDAYRHMFQLAAQLEAGVRATLEELRLPWHVTRIGARVEYLFMTHAPR
NGGEAHHARNGLIEACLHLYLLNRGVLLTPFHNMALTCPATRAEDVELHDRLLRDCLGELLERPS
;
_entity_poly.pdbx_strand_id   A,B
#
# COMPACT_ATOMS: atom_id res chain seq x y z
N PHE A 5 23.62 17.67 -25.43
CA PHE A 5 22.13 17.68 -25.70
C PHE A 5 21.63 18.90 -26.49
N GLY A 6 22.52 19.58 -27.18
CA GLY A 6 22.15 20.70 -28.00
C GLY A 6 21.99 22.01 -27.27
N LEU A 7 22.31 22.07 -25.97
CA LEU A 7 22.23 23.30 -25.17
C LEU A 7 23.59 23.65 -24.53
N ASP A 8 23.79 24.94 -24.25
CA ASP A 8 24.94 25.42 -23.51
C ASP A 8 24.64 25.28 -21.99
N LEU A 9 25.33 24.33 -21.33
CA LEU A 9 25.04 24.07 -19.93
C LEU A 9 25.30 25.26 -19.01
N ALA A 10 26.20 26.15 -19.38
CA ALA A 10 26.38 27.35 -18.58
C ALA A 10 25.15 28.27 -18.65
N ARG A 11 24.52 28.34 -19.83
CA ARG A 11 23.29 29.12 -19.99
C ARG A 11 22.18 28.46 -19.20
N VAL A 12 22.13 27.12 -19.22
CA VAL A 12 21.13 26.39 -18.40
C VAL A 12 21.31 26.70 -16.93
N GLU A 13 22.55 26.59 -16.47
CA GLU A 13 22.82 26.88 -15.06
C GLU A 13 22.44 28.33 -14.68
N THR A 14 22.76 29.29 -15.57
CA THR A 14 22.42 30.70 -15.33
C THR A 14 20.91 30.91 -15.21
N LEU A 15 20.18 30.35 -16.16
CA LEU A 15 18.71 30.45 -16.13
C LEU A 15 18.16 29.77 -14.92
N PHE A 16 18.70 28.61 -14.59
CA PHE A 16 18.20 27.84 -13.45
C PHE A 16 18.37 28.62 -12.17
N LYS A 17 19.57 29.18 -11.95
CA LYS A 17 19.78 30.01 -10.75
C LYS A 17 18.83 31.21 -10.66
N ARG A 18 18.60 31.89 -11.78
CA ARG A 18 17.65 33.00 -11.82
C ARG A 18 16.24 32.51 -11.47
N GLU A 19 15.86 31.35 -11.98
CA GLU A 19 14.51 30.81 -11.75
C GLU A 19 14.36 30.33 -10.30
N LEU A 20 15.45 29.85 -9.69
CA LEU A 20 15.42 29.49 -8.27
C LEU A 20 15.17 30.73 -7.41
N ARG A 21 15.81 31.85 -7.75
CA ARG A 21 15.54 33.10 -7.04
C ARG A 21 14.10 33.56 -7.25
N ARG A 22 13.62 33.50 -8.50
CA ARG A 22 12.22 33.83 -8.83
C ARG A 22 11.28 32.92 -8.04
N PHE A 23 11.64 31.64 -7.88
CA PHE A 23 10.78 30.71 -7.17
C PHE A 23 10.63 31.16 -5.68
N ASP A 24 11.75 31.54 -5.09
CA ASP A 24 11.73 32.03 -3.69
C ASP A 24 10.85 33.28 -3.56
N GLU A 25 10.98 34.20 -4.50
CA GLU A 25 10.24 35.46 -4.46
C GLU A 25 8.73 35.24 -4.63
N LEU A 26 8.36 34.33 -5.51
CA LEU A 26 6.94 34.07 -5.81
C LEU A 26 6.23 33.21 -4.80
N HIS A 27 6.97 32.36 -4.06
CA HIS A 27 6.32 31.38 -3.18
C HIS A 27 6.77 31.46 -1.71
N PRO A 28 6.68 32.65 -1.09
CA PRO A 28 7.26 32.75 0.26
C PRO A 28 6.54 31.94 1.34
N ARG A 29 5.23 31.82 1.25
CA ARG A 29 4.50 31.05 2.24
C ARG A 29 4.80 29.55 2.11
N SER A 30 4.97 29.02 0.91
CA SER A 30 5.43 27.62 0.79
C SER A 30 6.82 27.43 1.37
N ALA A 31 7.69 28.43 1.18
CA ALA A 31 9.05 28.36 1.76
C ALA A 31 9.03 28.39 3.27
N GLN A 32 8.18 29.22 3.84
CA GLN A 32 8.00 29.27 5.29
C GLN A 32 7.47 27.94 5.79
N ALA A 33 6.49 27.40 5.08
CA ALA A 33 5.95 26.09 5.43
C ALA A 33 7.03 25.01 5.41
N TYR A 34 7.93 25.06 4.43
CA TYR A 34 9.01 24.08 4.33
C TYR A 34 9.91 24.13 5.56
N ARG A 35 10.24 25.33 6.02
CA ARG A 35 11.08 25.46 7.23
C ARG A 35 10.41 24.76 8.41
N GLU A 36 9.11 24.95 8.53
CA GLU A 36 8.36 24.29 9.60
C GLU A 36 8.26 22.75 9.38
N ASN A 37 7.92 22.35 8.17
CA ASN A 37 7.76 20.93 7.88
C ASN A 37 9.07 20.16 8.00
N ARG A 38 10.22 20.81 7.74
CA ARG A 38 11.51 20.13 7.93
C ARG A 38 11.79 19.79 9.40
N ARG A 39 11.07 20.43 10.33
CA ARG A 39 11.26 20.12 11.75
C ARG A 39 10.66 18.76 12.13
N HIS A 40 9.63 18.30 11.40
CA HIS A 40 8.92 17.10 11.83
C HIS A 40 8.76 16.02 10.76
N TRP A 41 9.04 16.33 9.48
CA TRP A 41 9.03 15.34 8.41
C TRP A 41 10.48 15.09 8.03
N LEU A 42 10.85 13.81 7.93
CA LEU A 42 12.26 13.48 7.72
C LEU A 42 12.85 14.19 6.48
N TYR A 43 12.07 14.26 5.41
CA TYR A 43 12.48 14.91 4.15
C TYR A 43 11.62 16.16 3.83
N GLY A 44 11.07 16.83 4.86
CA GLY A 44 10.39 18.11 4.71
C GLY A 44 9.01 18.11 4.10
N ALA A 45 8.48 16.91 3.92
CA ALA A 45 7.16 16.67 3.38
C ALA A 45 6.80 15.20 3.77
N PRO A 46 5.52 14.82 3.65
CA PRO A 46 5.15 13.45 4.08
C PRO A 46 5.85 12.33 3.30
N LEU A 47 6.16 12.59 2.01
CA LEU A 47 6.78 11.64 1.08
C LEU A 47 8.07 12.27 0.60
N HIS A 48 9.17 11.51 0.66
CA HIS A 48 10.49 12.08 0.31
C HIS A 48 10.56 12.51 -1.16
N TRP A 49 9.77 11.85 -2.03
CA TRP A 49 9.74 12.26 -3.44
C TRP A 49 9.33 13.71 -3.61
N MET A 50 8.59 14.26 -2.65
CA MET A 50 8.05 15.61 -2.82
C MET A 50 9.17 16.68 -2.75
N GLN A 51 10.31 16.30 -2.16
CA GLN A 51 11.49 17.18 -2.14
C GLN A 51 12.11 17.38 -3.55
N GLN A 52 11.66 16.59 -4.52
CA GLN A 52 12.30 16.53 -5.82
C GLN A 52 11.61 17.37 -6.88
N TRP A 53 10.58 18.13 -6.51
CA TRP A 53 10.14 19.21 -7.36
C TRP A 53 11.31 20.20 -7.53
N PRO A 54 11.35 20.94 -8.65
CA PRO A 54 12.46 21.86 -8.83
C PRO A 54 12.08 23.14 -7.99
N GLY A 55 12.99 23.93 -7.67
CA GLY A 55 12.64 24.93 -6.69
C GLY A 55 13.12 24.47 -5.36
N ASN A 56 13.16 25.40 -4.45
CA ASN A 56 13.82 25.13 -3.20
C ASN A 56 12.93 24.47 -2.17
N CYS A 57 11.65 24.35 -2.45
CA CYS A 57 10.75 23.54 -1.62
C CYS A 57 9.55 23.11 -2.44
N PRO A 58 8.84 22.05 -2.01
CA PRO A 58 7.57 21.73 -2.66
C PRO A 58 6.52 22.82 -2.37
N LEU A 59 5.70 23.08 -3.38
CA LEU A 59 4.53 23.96 -3.15
C LEU A 59 3.55 23.30 -2.17
N LEU A 60 2.96 24.11 -1.29
CA LEU A 60 1.78 23.68 -0.53
C LEU A 60 0.52 24.08 -1.31
N VAL A 61 -0.32 23.10 -1.54
CA VAL A 61 -1.58 23.31 -2.25
C VAL A 61 -2.67 23.76 -1.34
N LYS A 62 -3.40 24.78 -1.77
CA LYS A 62 -4.64 25.22 -1.09
C LYS A 62 -5.85 24.45 -1.59
N GLU A 63 -6.06 24.47 -2.90
CA GLU A 63 -7.15 23.71 -3.50
C GLU A 63 -6.89 23.41 -4.94
N ALA A 64 -7.60 22.41 -5.45
CA ALA A 64 -7.47 21.97 -6.83
C ALA A 64 -8.77 21.39 -7.31
N GLN A 65 -9.07 21.62 -8.59
CA GLN A 65 -10.28 21.07 -9.21
C GLN A 65 -10.02 20.93 -10.69
N GLY A 66 -10.33 19.79 -11.27
CA GLY A 66 -10.04 19.56 -12.71
C GLY A 66 -8.55 19.58 -12.96
N ALA A 67 -8.11 20.47 -13.86
CA ALA A 67 -6.68 20.67 -14.13
C ALA A 67 -6.14 21.98 -13.56
N ARG A 68 -6.82 22.57 -12.58
CA ARG A 68 -6.41 23.82 -11.95
C ARG A 68 -5.97 23.60 -10.54
N VAL A 69 -4.84 24.17 -10.17
CA VAL A 69 -4.31 24.11 -8.79
C VAL A 69 -4.04 25.52 -8.31
N THR A 70 -4.36 25.82 -7.07
CA THR A 70 -3.99 27.07 -6.43
C THR A 70 -3.16 26.75 -5.20
N ASP A 71 -2.01 27.38 -5.08
CA ASP A 71 -1.13 27.18 -3.92
C ASP A 71 -1.45 28.15 -2.76
N ILE A 72 -0.75 28.01 -1.65
CA ILE A 72 -1.02 28.83 -0.49
C ILE A 72 -0.52 30.25 -0.61
N ASP A 73 0.29 30.54 -1.63
CA ASP A 73 0.67 31.90 -2.00
C ASP A 73 -0.34 32.55 -2.98
N GLY A 74 -1.41 31.84 -3.34
CA GLY A 74 -2.37 32.36 -4.30
C GLY A 74 -2.00 32.25 -5.74
N GLN A 75 -0.87 31.60 -6.05
CA GLN A 75 -0.51 31.34 -7.42
C GLN A 75 -1.39 30.27 -7.98
N GLN A 76 -1.74 30.42 -9.24
CA GLN A 76 -2.62 29.47 -9.95
C GLN A 76 -1.84 28.79 -11.03
N TYR A 77 -2.14 27.51 -11.25
CA TYR A 77 -1.45 26.67 -12.20
C TYR A 77 -2.44 25.88 -13.03
N VAL A 78 -2.06 25.58 -14.27
CA VAL A 78 -2.64 24.46 -15.00
C VAL A 78 -1.72 23.26 -14.73
N ASP A 79 -2.38 22.14 -14.42
CA ASP A 79 -1.71 20.93 -13.94
C ASP A 79 -1.70 19.87 -15.00
N PHE A 80 -0.49 19.62 -15.56
CA PHE A 80 -0.20 18.49 -16.42
C PHE A 80 0.52 17.32 -15.70
N ALA A 81 0.79 17.54 -14.42
CA ALA A 81 1.41 16.51 -13.54
C ALA A 81 0.39 15.55 -12.95
N LEU A 82 -0.74 16.13 -12.51
CA LEU A 82 -1.93 15.36 -12.08
C LEU A 82 -1.54 14.29 -11.06
N GLY A 83 -0.83 14.72 -10.01
CA GLY A 83 -0.49 13.79 -8.93
C GLY A 83 0.47 12.70 -9.37
N ASP A 84 1.35 13.03 -10.31
CA ASP A 84 2.20 12.04 -10.99
C ASP A 84 1.38 10.89 -11.51
N SER A 85 0.27 11.25 -12.16
CA SER A 85 -0.69 10.31 -12.73
C SER A 85 -1.73 9.74 -11.74
N GLY A 86 -1.54 9.96 -10.42
CA GLY A 86 -2.54 9.53 -9.42
C GLY A 86 -3.90 10.22 -9.61
N ALA A 87 -3.87 11.39 -10.19
CA ALA A 87 -5.07 12.17 -10.54
C ALA A 87 -5.25 12.30 -12.06
N MET A 88 -4.93 11.25 -12.80
CA MET A 88 -4.96 11.24 -14.25
C MET A 88 -6.23 11.80 -14.88
N PHE A 89 -7.38 11.55 -14.26
CA PHE A 89 -8.64 12.08 -14.80
C PHE A 89 -9.09 13.40 -14.25
N GLY A 90 -8.16 14.10 -13.59
CA GLY A 90 -8.40 15.40 -12.98
C GLY A 90 -8.57 15.32 -11.47
N HIS A 91 -8.43 16.47 -10.84
CA HIS A 91 -8.69 16.60 -9.42
C HIS A 91 -10.17 16.69 -9.15
N ALA A 92 -10.62 16.08 -8.05
CA ALA A 92 -11.97 16.31 -7.57
C ALA A 92 -13.06 16.02 -8.64
N GLN A 93 -12.91 14.92 -9.37
CA GLN A 93 -13.99 14.48 -10.29
C GLN A 93 -15.27 14.33 -9.50
N PRO A 94 -16.35 15.04 -9.90
CA PRO A 94 -17.50 15.09 -9.04
C PRO A 94 -18.14 13.73 -8.71
N ALA A 95 -18.23 12.82 -9.69
CA ALA A 95 -18.86 11.54 -9.40
C ALA A 95 -18.03 10.74 -8.39
N VAL A 96 -16.70 10.87 -8.49
CA VAL A 96 -15.81 10.11 -7.68
C VAL A 96 -15.76 10.68 -6.27
N ALA A 97 -15.66 12.00 -6.16
CA ALA A 97 -15.71 12.66 -4.86
C ALA A 97 -17.03 12.41 -4.14
N ASP A 98 -18.14 12.44 -4.89
CA ASP A 98 -19.45 12.15 -4.31
C ASP A 98 -19.54 10.72 -3.81
N ALA A 99 -19.01 9.78 -4.59
CA ALA A 99 -19.04 8.37 -4.19
C ALA A 99 -18.20 8.15 -2.92
N ILE A 100 -17.04 8.79 -2.83
CA ILE A 100 -16.15 8.72 -1.68
C ILE A 100 -16.87 9.29 -0.45
N ALA A 101 -17.45 10.47 -0.58
CA ALA A 101 -18.15 11.10 0.54
C ALA A 101 -19.29 10.20 1.05
N ARG A 102 -20.10 9.71 0.11
CA ARG A 102 -21.27 8.88 0.47
C ARG A 102 -20.83 7.60 1.19
N GLN A 103 -19.81 6.93 0.64
CA GLN A 103 -19.41 5.68 1.24
C GLN A 103 -18.72 5.90 2.57
N ALA A 104 -17.93 6.94 2.73
CA ALA A 104 -17.28 7.19 4.01
C ALA A 104 -18.31 7.28 5.13
N ARG A 105 -19.45 7.89 4.81
CA ARG A 105 -20.53 8.06 5.77
C ARG A 105 -21.35 6.81 6.02
N ARG A 106 -21.07 5.73 5.31
CA ARG A 106 -21.75 4.44 5.56
C ARG A 106 -20.84 3.25 5.70
N GLY A 107 -19.57 3.53 6.02
CA GLY A 107 -18.60 2.53 6.34
C GLY A 107 -17.53 2.40 5.28
N SER A 108 -16.32 2.78 5.66
N SER A 108 -16.32 2.78 5.67
CA SER A 108 -15.19 2.75 4.72
CA SER A 108 -15.22 2.74 4.72
C SER A 108 -14.42 1.45 4.70
C SER A 108 -14.43 1.44 4.69
N THR A 109 -14.27 0.82 5.86
CA THR A 109 -13.46 -0.42 5.93
C THR A 109 -14.05 -1.39 6.93
N LEU A 110 -14.58 -2.51 6.39
CA LEU A 110 -15.32 -3.49 7.18
C LEU A 110 -14.75 -4.86 7.18
N MET A 111 -13.67 -5.07 6.43
CA MET A 111 -13.14 -6.40 6.13
C MET A 111 -14.20 -7.26 5.43
N LEU A 112 -15.10 -6.59 4.71
CA LEU A 112 -16.22 -7.23 4.04
C LEU A 112 -16.51 -6.53 2.72
N PRO A 113 -17.13 -7.25 1.79
CA PRO A 113 -17.57 -6.68 0.53
C PRO A 113 -18.88 -5.89 0.70
N THR A 114 -19.15 -5.06 -0.29
CA THR A 114 -20.41 -4.34 -0.49
C THR A 114 -20.98 -4.61 -1.86
N GLU A 115 -22.16 -4.07 -2.18
CA GLU A 115 -22.70 -4.28 -3.52
C GLU A 115 -21.82 -3.70 -4.62
N ASP A 116 -20.97 -2.73 -4.28
CA ASP A 116 -20.09 -2.18 -5.32
C ASP A 116 -19.10 -3.22 -5.79
N SER A 117 -18.75 -4.20 -4.96
CA SER A 117 -17.87 -5.27 -5.43
C SER A 117 -18.46 -6.10 -6.55
N LEU A 118 -19.78 -6.29 -6.50
CA LEU A 118 -20.47 -7.05 -7.56
C LEU A 118 -20.30 -6.30 -8.89
N TRP A 119 -20.58 -4.99 -8.89
CA TRP A 119 -20.55 -4.22 -10.10
C TRP A 119 -19.13 -4.12 -10.66
N VAL A 120 -18.17 -3.83 -9.77
CA VAL A 120 -16.79 -3.64 -10.20
C VAL A 120 -16.16 -4.89 -10.71
N GLY A 121 -16.43 -6.05 -10.09
CA GLY A 121 -15.85 -7.27 -10.62
C GLY A 121 -16.27 -7.53 -12.05
N ALA A 122 -17.55 -7.39 -12.31
CA ALA A 122 -18.08 -7.60 -13.66
C ALA A 122 -17.54 -6.57 -14.66
N GLU A 123 -17.41 -5.32 -14.17
CA GLU A 123 -16.86 -4.26 -15.01
C GLU A 123 -15.41 -4.54 -15.42
N LEU A 124 -14.60 -4.96 -14.45
CA LEU A 124 -13.20 -5.22 -14.75
C LEU A 124 -13.06 -6.32 -15.81
N ALA A 125 -13.86 -7.38 -15.66
CA ALA A 125 -13.83 -8.46 -16.65
C ALA A 125 -14.26 -8.00 -18.03
N ARG A 126 -15.28 -7.17 -18.08
CA ARG A 126 -15.77 -6.62 -19.36
C ARG A 126 -14.71 -5.71 -20.00
N ARG A 127 -14.17 -4.81 -19.19
CA ARG A 127 -13.29 -3.77 -19.71
C ARG A 127 -11.95 -4.30 -20.14
N PHE A 128 -11.35 -5.16 -19.29
CA PHE A 128 -9.96 -5.54 -19.49
C PHE A 128 -9.79 -6.98 -20.00
N GLY A 129 -10.89 -7.70 -20.16
CA GLY A 129 -10.84 -8.97 -20.86
C GLY A 129 -10.17 -10.14 -20.19
N LEU A 130 -10.04 -10.08 -18.89
CA LEU A 130 -9.60 -11.17 -18.06
C LEU A 130 -10.70 -11.42 -17.02
N PRO A 131 -10.90 -12.70 -16.65
CA PRO A 131 -12.06 -12.99 -15.83
C PRO A 131 -11.96 -12.77 -14.33
N TYR A 132 -10.77 -12.86 -13.71
CA TYR A 132 -10.69 -12.89 -12.25
C TYR A 132 -9.78 -11.78 -11.73
N TRP A 133 -10.23 -11.12 -10.65
CA TRP A 133 -9.58 -9.91 -10.15
C TRP A 133 -9.38 -9.96 -8.63
N GLN A 134 -8.47 -9.10 -8.17
CA GLN A 134 -8.26 -8.81 -6.76
C GLN A 134 -7.88 -7.33 -6.66
N VAL A 135 -8.00 -6.76 -5.47
CA VAL A 135 -7.63 -5.36 -5.18
C VAL A 135 -6.54 -5.30 -4.16
N THR A 136 -5.63 -4.38 -4.36
CA THR A 136 -4.55 -4.06 -3.41
C THR A 136 -4.60 -2.57 -3.01
N THR A 137 -3.66 -2.14 -2.17
CA THR A 137 -3.54 -0.69 -1.85
C THR A 137 -2.54 0.05 -2.70
N SER A 138 -1.90 -0.62 -3.64
CA SER A 138 -0.96 0.06 -4.58
C SER A 138 -0.59 -0.86 -5.75
N ALA A 139 -0.17 -0.24 -6.85
CA ALA A 139 0.37 -0.99 -7.96
C ALA A 139 1.57 -1.83 -7.54
N THR A 140 2.44 -1.26 -6.72
CA THR A 140 3.55 -2.05 -6.21
C THR A 140 3.09 -3.37 -5.61
N ASP A 141 2.08 -3.30 -4.76
CA ASP A 141 1.64 -4.51 -4.10
C ASP A 141 1.00 -5.49 -5.07
N ALA A 142 0.25 -4.98 -6.06
CA ALA A 142 -0.28 -5.85 -7.09
C ALA A 142 0.86 -6.62 -7.78
N ASN A 143 1.91 -5.90 -8.14
CA ASN A 143 3.08 -6.58 -8.75
C ASN A 143 3.73 -7.58 -7.79
N ARG A 144 3.97 -7.18 -6.53
CA ARG A 144 4.62 -8.11 -5.59
C ARG A 144 3.81 -9.38 -5.43
N PHE A 145 2.50 -9.20 -5.30
CA PHE A 145 1.63 -10.35 -4.97
C PHE A 145 1.45 -11.27 -6.17
N VAL A 146 1.33 -10.69 -7.35
CA VAL A 146 1.29 -11.51 -8.58
C VAL A 146 2.58 -12.31 -8.71
N LEU A 147 3.74 -11.66 -8.43
CA LEU A 147 5.00 -12.42 -8.57
C LEU A 147 5.04 -13.59 -7.57
N ARG A 148 4.59 -13.37 -6.34
CA ARG A 148 4.51 -14.45 -5.35
C ARG A 148 3.65 -15.60 -5.86
N LEU A 149 2.46 -15.28 -6.40
CA LEU A 149 1.58 -16.32 -6.86
C LEU A 149 2.20 -17.05 -8.06
N CYS A 150 2.92 -16.33 -8.94
CA CYS A 150 3.61 -16.99 -10.07
C CYS A 150 4.70 -17.94 -9.59
N ARG A 151 5.45 -17.53 -8.56
CA ARG A 151 6.43 -18.45 -7.96
C ARG A 151 5.74 -19.70 -7.37
N MET A 152 4.61 -19.48 -6.70
CA MET A 152 3.86 -20.60 -6.11
C MET A 152 3.33 -21.56 -7.18
N LEU A 153 2.74 -21.03 -8.26
CA LEU A 153 2.11 -21.91 -9.25
C LEU A 153 3.12 -22.59 -10.11
N SER A 154 4.30 -21.96 -10.32
CA SER A 154 5.26 -22.50 -11.29
C SER A 154 6.34 -23.33 -10.64
N GLY A 155 6.61 -23.09 -9.35
CA GLY A 155 7.77 -23.70 -8.70
C GLY A 155 9.09 -23.16 -9.15
N ARG A 156 9.08 -22.04 -9.88
CA ARG A 156 10.28 -21.38 -10.36
C ARG A 156 10.49 -20.07 -9.60
N ASP A 157 11.76 -19.64 -9.43
CA ASP A 157 12.06 -18.49 -8.58
C ASP A 157 12.41 -17.17 -9.26
N LYS A 158 12.71 -17.17 -10.54
CA LYS A 158 13.18 -15.95 -11.18
C LYS A 158 12.08 -15.18 -11.89
N VAL A 159 12.21 -13.86 -11.88
CA VAL A 159 11.34 -12.99 -12.64
C VAL A 159 12.24 -12.31 -13.69
N VAL A 160 11.73 -12.17 -14.91
CA VAL A 160 12.37 -11.33 -15.91
C VAL A 160 11.75 -9.94 -15.82
N VAL A 161 12.64 -8.95 -15.74
CA VAL A 161 12.29 -7.56 -15.90
C VAL A 161 13.21 -6.96 -17.00
N PHE A 162 12.85 -5.76 -17.45
CA PHE A 162 13.59 -5.06 -18.50
C PHE A 162 14.44 -3.93 -17.94
N ASN A 163 15.58 -3.68 -18.57
CA ASN A 163 16.49 -2.66 -18.06
C ASN A 163 15.77 -1.29 -18.10
N CYS A 164 15.91 -0.54 -17.02
CA CYS A 164 15.29 0.78 -16.83
C CYS A 164 13.77 0.75 -16.75
N ASN A 165 13.25 -0.39 -16.28
CA ASN A 165 11.87 -0.52 -15.88
C ASN A 165 11.52 0.40 -14.70
N TYR A 166 10.23 0.58 -14.48
CA TYR A 166 9.77 0.90 -13.10
C TYR A 166 8.45 0.22 -12.87
N HIS A 167 8.35 -0.50 -11.74
CA HIS A 167 7.14 -1.22 -11.32
C HIS A 167 6.76 -0.94 -9.86
N GLY A 168 7.34 0.13 -9.28
CA GLY A 168 7.17 0.44 -7.87
C GLY A 168 8.28 -0.11 -7.00
N SER A 169 7.99 -0.21 -5.71
CA SER A 169 8.99 -0.68 -4.73
C SER A 169 8.99 -2.19 -4.67
N VAL A 170 9.26 -2.77 -5.83
CA VAL A 170 9.33 -4.24 -6.04
C VAL A 170 10.84 -4.52 -6.06
N ASP A 171 11.39 -5.03 -4.95
CA ASP A 171 12.86 -5.08 -4.81
C ASP A 171 13.52 -5.89 -5.89
N GLU A 172 12.89 -6.98 -6.34
CA GLU A 172 13.47 -7.85 -7.38
C GLU A 172 13.66 -7.13 -8.71
N SER A 173 12.92 -6.04 -8.92
CA SER A 173 13.04 -5.29 -10.18
C SER A 173 14.12 -4.23 -10.19
N GLN A 174 14.73 -3.98 -9.03
CA GLN A 174 15.61 -2.82 -8.82
C GLN A 174 17.06 -3.18 -9.25
N VAL A 175 17.21 -3.39 -10.55
CA VAL A 175 18.45 -3.81 -11.18
C VAL A 175 18.68 -2.99 -12.43
N GLU A 176 19.94 -2.96 -12.88
CA GLU A 176 20.32 -2.33 -14.16
C GLU A 176 21.50 -3.08 -14.73
N PHE A 177 21.82 -2.80 -16.00
CA PHE A 177 23.06 -3.33 -16.57
C PHE A 177 24.19 -2.33 -16.29
N ASP A 178 25.35 -2.86 -15.88
CA ASP A 178 26.57 -2.07 -15.76
C ASP A 178 27.27 -2.01 -17.14
N ALA A 179 28.43 -1.39 -17.18
CA ALA A 179 29.18 -1.21 -18.43
C ALA A 179 29.59 -2.52 -19.09
N ALA A 180 29.72 -3.58 -18.28
CA ALA A 180 30.09 -4.89 -18.78
C ALA A 180 28.89 -5.74 -19.17
N GLY A 181 27.66 -5.23 -19.03
CA GLY A 181 26.49 -6.03 -19.29
C GLY A 181 26.10 -6.96 -18.16
N ARG A 182 26.64 -6.69 -16.97
CA ARG A 182 26.32 -7.48 -15.79
C ARG A 182 25.09 -6.86 -15.13
N MET A 183 24.20 -7.72 -14.60
CA MET A 183 23.07 -7.25 -13.81
C MET A 183 23.55 -6.86 -12.42
N VAL A 184 23.32 -5.61 -12.04
CA VAL A 184 23.74 -5.07 -10.77
C VAL A 184 22.58 -4.29 -10.14
N PRO A 185 22.66 -3.98 -8.85
CA PRO A 185 21.59 -3.18 -8.23
C PRO A 185 21.43 -1.83 -8.98
N ARG A 186 20.17 -1.39 -9.10
CA ARG A 186 19.88 -0.10 -9.76
C ARG A 186 20.60 1.02 -9.01
N ALA A 187 21.09 2.02 -9.74
CA ALA A 187 21.80 3.10 -9.12
C ALA A 187 20.93 3.77 -8.07
N GLY A 188 21.51 3.96 -6.90
CA GLY A 188 20.81 4.59 -5.80
C GLY A 188 19.78 3.74 -5.09
N VAL A 189 19.66 2.46 -5.46
CA VAL A 189 18.71 1.58 -4.79
C VAL A 189 19.48 0.43 -4.14
N HIS A 190 19.60 0.51 -2.83
CA HIS A 190 20.36 -0.49 -2.07
C HIS A 190 19.78 -1.90 -2.36
N PRO A 191 20.61 -2.93 -2.43
CA PRO A 191 20.05 -4.26 -2.69
C PRO A 191 19.15 -4.83 -1.61
N ASN A 192 19.24 -4.25 -0.43
CA ASN A 192 18.27 -4.49 0.63
C ASN A 192 18.25 -5.96 1.09
N GLY A 193 19.44 -6.56 1.17
CA GLY A 193 19.55 -7.96 1.55
C GLY A 193 19.20 -8.98 0.46
N VAL A 194 18.83 -8.52 -0.75
CA VAL A 194 18.47 -9.39 -1.89
C VAL A 194 19.79 -9.64 -2.64
N ARG A 195 20.06 -10.90 -3.04
CA ARG A 195 21.05 -11.21 -4.06
C ARG A 195 20.27 -11.39 -5.37
N HIS A 196 20.31 -10.38 -6.24
CA HIS A 196 19.39 -10.39 -7.38
C HIS A 196 19.69 -11.51 -8.38
N ALA A 197 20.90 -12.06 -8.40
CA ALA A 197 21.13 -13.22 -9.25
C ALA A 197 20.22 -14.41 -8.91
N THR A 198 19.71 -14.47 -7.69
CA THR A 198 18.82 -15.54 -7.28
C THR A 198 17.35 -15.29 -7.59
N THR A 199 16.98 -14.02 -7.83
CA THR A 199 15.57 -13.63 -8.03
C THR A 199 15.22 -13.15 -9.42
N THR A 200 16.19 -12.72 -10.21
CA THR A 200 15.93 -11.89 -11.36
C THR A 200 16.82 -12.23 -12.54
N ARG A 201 16.21 -12.21 -13.74
CA ARG A 201 16.95 -12.20 -15.00
C ARG A 201 16.61 -10.89 -15.71
N LEU A 202 17.63 -10.16 -16.12
CA LEU A 202 17.47 -8.86 -16.76
C LEU A 202 17.72 -8.95 -18.25
N VAL A 203 16.87 -8.31 -19.02
CA VAL A 203 16.95 -8.22 -20.47
C VAL A 203 16.69 -6.80 -20.91
N GLU A 204 17.18 -6.39 -22.06
CA GLU A 204 16.73 -5.12 -22.67
C GLU A 204 15.38 -5.37 -23.36
N PHE A 205 14.54 -4.33 -23.34
CA PHE A 205 13.29 -4.33 -24.15
C PHE A 205 13.64 -4.51 -25.62
N ASN A 206 12.71 -5.04 -26.41
CA ASN A 206 12.89 -5.15 -27.86
C ASN A 206 14.06 -6.05 -28.26
N ASP A 207 14.28 -7.10 -27.47
CA ASP A 207 15.39 -8.05 -27.74
C ASP A 207 14.90 -9.49 -27.52
N LEU A 208 14.27 -10.03 -28.55
CA LEU A 208 13.68 -11.32 -28.48
C LEU A 208 14.70 -12.46 -28.33
N ASP A 209 15.87 -12.29 -28.93
CA ASP A 209 16.91 -13.29 -28.80
C ASP A 209 17.39 -13.37 -27.32
N ALA A 210 17.58 -12.23 -26.70
CA ALA A 210 17.98 -12.19 -25.27
C ALA A 210 16.88 -12.74 -24.38
N LEU A 211 15.62 -12.41 -24.72
CA LEU A 211 14.52 -12.94 -23.92
C LEU A 211 14.45 -14.47 -24.02
N GLU A 212 14.64 -15.00 -25.23
CA GLU A 212 14.67 -16.46 -25.42
C GLU A 212 15.76 -17.11 -24.57
N ALA A 213 16.96 -16.51 -24.62
CA ALA A 213 18.08 -17.06 -23.83
C ALA A 213 17.78 -17.06 -22.33
N ALA A 214 17.14 -16.01 -21.85
CA ALA A 214 16.77 -15.95 -20.44
C ALA A 214 15.73 -17.02 -20.04
N LEU A 215 14.66 -17.13 -20.83
CA LEU A 215 13.59 -18.09 -20.51
C LEU A 215 14.03 -19.54 -20.64
N ALA A 216 15.00 -19.79 -21.53
CA ALA A 216 15.43 -21.17 -21.79
C ALA A 216 16.07 -21.85 -20.59
N HIS A 217 16.51 -21.08 -19.60
CA HIS A 217 17.04 -21.68 -18.37
C HIS A 217 16.00 -22.50 -17.61
N GLY A 218 14.71 -22.23 -17.83
CA GLY A 218 13.68 -23.05 -17.21
C GLY A 218 13.33 -22.64 -15.80
N ASP A 219 13.85 -21.50 -15.33
CA ASP A 219 13.69 -21.07 -13.95
C ASP A 219 12.95 -19.74 -13.81
N VAL A 220 12.24 -19.33 -14.87
CA VAL A 220 11.54 -18.03 -14.88
C VAL A 220 10.04 -18.27 -14.61
N ALA A 221 9.55 -17.71 -13.52
CA ALA A 221 8.15 -17.77 -13.16
C ALA A 221 7.30 -16.80 -14.00
N ALA A 222 7.84 -15.63 -14.30
CA ALA A 222 7.08 -14.58 -14.96
C ALA A 222 8.00 -13.58 -15.68
N VAL A 223 7.41 -12.93 -16.69
CA VAL A 223 7.95 -11.72 -17.26
C VAL A 223 7.03 -10.59 -16.79
N LEU A 224 7.61 -9.57 -16.20
CA LEU A 224 6.87 -8.37 -15.73
C LEU A 224 7.29 -7.20 -16.60
N THR A 225 6.33 -6.52 -17.23
CA THR A 225 6.68 -5.41 -18.13
C THR A 225 5.51 -4.44 -18.32
N GLU A 226 5.83 -3.17 -18.53
CA GLU A 226 4.88 -2.28 -19.20
C GLU A 226 4.80 -2.71 -20.66
N PRO A 227 3.66 -2.48 -21.31
CA PRO A 227 3.59 -2.79 -22.76
C PRO A 227 4.30 -1.77 -23.65
N PHE A 228 4.62 -0.63 -23.06
CA PHE A 228 5.27 0.50 -23.71
C PHE A 228 5.96 1.18 -22.54
N MET A 229 7.31 1.25 -22.54
CA MET A 229 7.97 1.71 -21.32
C MET A 229 7.73 3.21 -21.15
N THR A 230 7.50 3.65 -19.92
CA THR A 230 7.18 5.05 -19.63
C THR A 230 8.00 5.66 -18.53
N ASN A 231 8.93 4.90 -17.97
CA ASN A 231 9.66 5.35 -16.78
C ASN A 231 11.16 5.55 -17.02
N VAL A 232 11.51 5.79 -18.28
CA VAL A 232 12.88 6.19 -18.67
C VAL A 232 12.77 7.06 -19.91
N GLY A 233 11.87 8.04 -19.85
CA GLY A 233 11.25 8.47 -21.09
C GLY A 233 10.39 7.33 -21.65
N MET A 234 9.96 7.50 -22.89
CA MET A 234 9.10 6.50 -23.51
C MET A 234 9.83 5.61 -24.48
N VAL A 235 9.69 4.30 -24.32
CA VAL A 235 10.29 3.31 -25.20
C VAL A 235 9.19 2.50 -25.86
N PRO A 236 8.89 2.81 -27.12
CA PRO A 236 7.86 2.00 -27.77
C PRO A 236 8.30 0.58 -28.06
N PRO A 237 7.37 -0.37 -28.04
CA PRO A 237 7.67 -1.71 -28.51
C PRO A 237 7.94 -1.69 -30.02
N ALA A 238 8.95 -2.43 -30.46
CA ALA A 238 9.28 -2.57 -31.85
C ALA A 238 8.20 -3.36 -32.57
N GLU A 239 8.16 -3.17 -33.88
CA GLU A 239 7.29 -4.02 -34.71
C GLU A 239 7.58 -5.48 -34.43
N GLY A 240 6.54 -6.24 -34.16
CA GLY A 240 6.70 -7.68 -33.88
C GLY A 240 7.06 -8.04 -32.45
N PHE A 241 7.38 -7.06 -31.60
CA PHE A 241 7.89 -7.40 -30.24
C PHE A 241 6.83 -8.07 -29.40
N HIS A 242 5.65 -7.47 -29.35
CA HIS A 242 4.57 -8.10 -28.54
C HIS A 242 4.19 -9.51 -29.00
N ALA A 243 4.16 -9.72 -30.31
CA ALA A 243 3.87 -11.04 -30.81
C ALA A 243 4.94 -12.04 -30.37
N GLY A 244 6.20 -11.63 -30.43
CA GLY A 244 7.31 -12.48 -29.99
C GLY A 244 7.32 -12.74 -28.50
N LEU A 245 7.07 -11.67 -27.75
CA LEU A 245 6.96 -11.77 -26.30
C LEU A 245 5.88 -12.76 -25.91
N ARG A 246 4.72 -12.64 -26.54
CA ARG A 246 3.62 -13.54 -26.21
C ARG A 246 3.96 -14.98 -26.60
N GLU A 247 4.55 -15.16 -27.78
CA GLU A 247 4.89 -16.50 -28.25
C GLU A 247 5.93 -17.17 -27.35
N LEU A 248 7.01 -16.45 -27.00
CA LEU A 248 8.07 -17.02 -26.18
C LEU A 248 7.58 -17.41 -24.78
N THR A 249 6.75 -16.53 -24.17
CA THR A 249 6.28 -16.85 -22.87
C THR A 249 5.32 -18.06 -22.91
N ARG A 250 4.49 -18.15 -23.96
CA ARG A 250 3.67 -19.37 -24.12
C ARG A 250 4.51 -20.63 -24.25
N ARG A 251 5.55 -20.55 -25.09
CA ARG A 251 6.35 -21.72 -25.40
C ARG A 251 7.08 -22.24 -24.17
N HIS A 252 7.49 -21.31 -23.33
CA HIS A 252 8.23 -21.66 -22.10
C HIS A 252 7.33 -21.75 -20.85
N ASP A 253 6.00 -21.63 -21.02
CA ASP A 253 5.02 -21.67 -19.92
C ASP A 253 5.44 -20.70 -18.81
N VAL A 254 5.69 -19.47 -19.26
CA VAL A 254 6.08 -18.37 -18.40
C VAL A 254 4.92 -17.34 -18.38
N ALA A 255 4.50 -16.90 -17.18
CA ALA A 255 3.44 -15.90 -17.08
C ALA A 255 3.87 -14.57 -17.67
N LEU A 256 2.97 -13.92 -18.40
CA LEU A 256 3.21 -12.61 -18.96
C LEU A 256 2.34 -11.61 -18.16
N ILE A 257 3.01 -10.75 -17.41
CA ILE A 257 2.34 -9.74 -16.58
C ILE A 257 2.52 -8.39 -17.25
N ILE A 258 1.37 -7.76 -17.58
CA ILE A 258 1.36 -6.47 -18.28
C ILE A 258 0.89 -5.41 -17.27
N ASP A 259 1.79 -4.48 -16.97
CA ASP A 259 1.59 -3.40 -16.00
C ASP A 259 1.22 -2.13 -16.75
N GLU A 260 -0.07 -1.73 -16.60
CA GLU A 260 -0.68 -0.63 -17.33
C GLU A 260 -0.88 0.59 -16.47
N THR A 261 -0.17 0.65 -15.35
CA THR A 261 -0.34 1.78 -14.42
C THR A 261 -0.19 3.16 -15.09
N HIS A 262 0.73 3.27 -16.05
CA HIS A 262 0.84 4.44 -16.94
C HIS A 262 0.19 4.27 -18.29
N THR A 263 0.33 3.12 -18.92
CA THR A 263 -0.15 2.92 -20.29
C THR A 263 -1.67 2.87 -20.39
N ILE A 264 -2.37 2.94 -19.24
CA ILE A 264 -3.80 3.22 -19.24
C ILE A 264 -4.12 4.55 -19.94
N SER A 265 -3.11 5.41 -20.16
CA SER A 265 -3.27 6.57 -21.02
C SER A 265 -3.69 6.25 -22.46
N CYS A 266 -3.47 5.00 -22.91
N CYS A 266 -3.47 5.00 -22.91
CA CYS A 266 -3.71 4.62 -24.30
CA CYS A 266 -3.71 4.63 -24.30
C CYS A 266 -5.18 4.46 -24.66
C CYS A 266 -5.17 4.47 -24.64
N GLY A 267 -6.03 4.28 -23.64
CA GLY A 267 -7.46 4.10 -23.92
C GLY A 267 -8.16 3.49 -22.72
N PRO A 268 -9.49 3.36 -22.81
CA PRO A 268 -10.24 2.89 -21.66
C PRO A 268 -9.98 1.43 -21.28
N ALA A 269 -9.39 0.66 -22.18
CA ALA A 269 -9.01 -0.73 -21.96
C ALA A 269 -7.50 -0.87 -21.99
N GLY A 270 -6.79 0.24 -21.81
CA GLY A 270 -5.34 0.22 -21.82
C GLY A 270 -4.73 -0.04 -23.22
N TYR A 271 -3.42 -0.07 -23.21
CA TYR A 271 -2.67 -0.47 -24.40
C TYR A 271 -3.09 -1.86 -24.86
N SER A 272 -3.28 -2.76 -23.87
CA SER A 272 -3.63 -4.16 -24.18
C SER A 272 -4.91 -4.23 -24.97
N GLY A 273 -5.92 -3.47 -24.56
CA GLY A 273 -7.19 -3.46 -25.29
C GLY A 273 -7.08 -2.79 -26.67
N ALA A 274 -6.28 -1.74 -26.76
CA ALA A 274 -6.15 -0.99 -28.00
C ALA A 274 -5.36 -1.77 -29.07
N HIS A 275 -4.46 -2.66 -28.64
CA HIS A 275 -3.54 -3.36 -29.54
C HIS A 275 -3.71 -4.86 -29.53
N GLY A 276 -4.77 -5.36 -28.91
CA GLY A 276 -5.02 -6.81 -28.95
C GLY A 276 -4.01 -7.69 -28.23
N LEU A 277 -3.43 -7.20 -27.12
CA LEU A 277 -2.53 -8.05 -26.36
C LEU A 277 -3.33 -9.11 -25.61
N GLU A 278 -2.63 -10.15 -25.19
CA GLU A 278 -3.21 -11.31 -24.50
C GLU A 278 -2.44 -11.56 -23.19
N PRO A 279 -2.56 -10.65 -22.22
CA PRO A 279 -1.83 -10.81 -20.93
C PRO A 279 -2.29 -12.06 -20.18
N ASP A 280 -1.40 -12.66 -19.45
CA ASP A 280 -1.81 -13.62 -18.39
C ASP A 280 -2.30 -12.95 -17.12
N PHE A 281 -1.62 -11.87 -16.77
CA PHE A 281 -1.96 -11.01 -15.65
C PHE A 281 -1.92 -9.56 -16.13
N PHE A 282 -2.79 -8.74 -15.54
CA PHE A 282 -2.93 -7.32 -15.89
C PHE A 282 -2.93 -6.55 -14.57
N VAL A 283 -2.08 -5.53 -14.46
CA VAL A 283 -1.98 -4.71 -13.26
C VAL A 283 -2.27 -3.25 -13.57
N LEU A 284 -3.05 -2.61 -12.71
CA LEU A 284 -3.39 -1.19 -12.89
C LEU A 284 -3.58 -0.47 -11.58
N GLY A 285 -2.66 0.43 -11.23
CA GLY A 285 -2.82 1.26 -10.06
C GLY A 285 -2.89 2.73 -10.35
N CYS A 287 -4.51 5.57 -10.50
CA CYS A 287 -5.53 6.53 -10.89
C CYS A 287 -6.96 6.08 -10.78
N ILE A 288 -7.22 4.91 -10.28
CA ILE A 288 -8.55 4.31 -10.43
C ILE A 288 -9.51 4.49 -9.26
N ALA A 289 -9.06 5.16 -8.20
CA ALA A 289 -9.89 5.29 -7.01
C ALA A 289 -9.84 6.71 -6.42
N GLY A 290 -9.79 7.73 -7.29
CA GLY A 290 -9.94 9.11 -6.86
C GLY A 290 -8.93 9.62 -5.88
N GLY A 291 -7.73 9.02 -5.89
CA GLY A 291 -6.72 9.41 -4.93
C GLY A 291 -6.69 8.60 -3.66
N ILE A 292 -7.61 7.63 -3.49
CA ILE A 292 -7.46 6.63 -2.45
C ILE A 292 -6.41 5.62 -2.97
N PRO A 293 -5.39 5.32 -2.17
CA PRO A 293 -4.39 4.31 -2.59
C PRO A 293 -5.06 3.01 -2.96
N SER A 294 -4.81 2.54 -4.18
N SER A 294 -4.81 2.54 -4.18
CA SER A 294 -5.50 1.37 -4.72
CA SER A 294 -5.50 1.36 -4.71
C SER A 294 -4.81 0.85 -5.96
C SER A 294 -4.85 0.86 -5.97
N ALA A 295 -5.05 -0.43 -6.25
CA ALA A 295 -4.77 -0.99 -7.56
C ALA A 295 -5.66 -2.21 -7.73
N VAL A 296 -5.80 -2.64 -8.99
CA VAL A 296 -6.40 -3.91 -9.29
C VAL A 296 -5.40 -4.78 -10.04
N TRP A 297 -5.56 -6.10 -9.91
CA TRP A 297 -4.91 -7.01 -10.78
C TRP A 297 -5.85 -8.08 -11.20
N GLY A 298 -5.66 -8.54 -12.42
CA GLY A 298 -6.50 -9.57 -13.02
C GLY A 298 -5.70 -10.68 -13.65
N CYS A 299 -6.34 -11.84 -13.80
CA CYS A 299 -5.67 -12.97 -14.45
C CYS A 299 -6.62 -13.78 -15.27
N SER A 300 -6.02 -14.52 -16.18
CA SER A 300 -6.81 -15.44 -17.05
C SER A 300 -7.37 -16.59 -16.24
N GLN A 301 -8.39 -17.26 -16.78
CA GLN A 301 -8.89 -18.46 -16.14
C GLN A 301 -7.80 -19.53 -16.01
N ALA A 302 -6.93 -19.69 -17.03
CA ALA A 302 -5.89 -20.68 -16.95
C ALA A 302 -4.94 -20.42 -15.78
N GLN A 303 -4.63 -19.15 -15.54
CA GLN A 303 -3.77 -18.83 -14.39
C GLN A 303 -4.53 -19.08 -13.08
N ALA A 304 -5.79 -18.65 -13.03
CA ALA A 304 -6.61 -18.84 -11.83
C ALA A 304 -6.64 -20.32 -11.43
N GLU A 305 -6.83 -21.24 -12.39
CA GLU A 305 -6.88 -22.63 -12.03
C GLU A 305 -5.56 -23.14 -11.47
N ARG A 306 -4.44 -22.63 -11.97
CA ARG A 306 -3.13 -23.00 -11.43
C ARG A 306 -2.92 -22.45 -10.02
N ILE A 307 -3.40 -21.22 -9.81
CA ILE A 307 -3.30 -20.61 -8.48
C ILE A 307 -4.18 -21.34 -7.46
N TRP A 308 -5.42 -21.66 -7.84
CA TRP A 308 -6.29 -22.36 -6.89
C TRP A 308 -5.75 -23.73 -6.47
N ALA A 309 -4.99 -24.39 -7.35
CA ALA A 309 -4.44 -25.68 -7.02
C ALA A 309 -3.24 -25.59 -6.10
N VAL A 310 -2.62 -24.43 -5.93
CA VAL A 310 -1.59 -24.22 -4.91
C VAL A 310 -2.06 -23.36 -3.75
N LEU A 311 -3.23 -22.73 -3.84
CA LEU A 311 -3.81 -21.91 -2.76
C LEU A 311 -5.33 -22.14 -2.87
N PRO A 312 -5.82 -23.22 -2.26
CA PRO A 312 -7.23 -23.55 -2.44
C PRO A 312 -8.18 -22.57 -1.77
N HIS A 313 -9.39 -22.52 -2.34
CA HIS A 313 -10.46 -21.75 -1.69
C HIS A 313 -10.60 -22.20 -0.23
N PHE A 314 -10.83 -21.23 0.64
CA PHE A 314 -10.78 -21.50 2.09
C PHE A 314 -11.91 -22.41 2.50
N ARG A 315 -11.63 -23.34 3.39
CA ARG A 315 -12.59 -24.33 3.81
C ARG A 315 -13.13 -23.98 5.21
N PRO A 316 -14.38 -24.34 5.49
CA PRO A 316 -14.97 -24.05 6.79
C PRO A 316 -14.16 -24.60 7.91
N GLY A 317 -13.80 -23.76 8.88
CA GLY A 317 -13.01 -24.20 10.02
C GLY A 317 -11.52 -24.36 9.79
N GLN A 318 -11.04 -24.06 8.59
CA GLN A 318 -9.61 -24.08 8.30
C GLN A 318 -8.86 -23.07 9.14
N ALA A 319 -7.60 -23.33 9.47
CA ALA A 319 -6.79 -22.36 10.16
C ALA A 319 -6.63 -21.10 9.31
N ILE A 320 -6.88 -19.96 9.94
CA ILE A 320 -6.69 -18.65 9.28
C ILE A 320 -5.24 -18.47 8.81
N ASN A 321 -5.07 -17.81 7.67
CA ASN A 321 -3.73 -17.46 7.17
C ASN A 321 -3.87 -16.39 6.09
N HIS A 322 -2.95 -15.42 6.12
CA HIS A 322 -2.82 -14.43 5.08
C HIS A 322 -2.11 -14.98 3.84
N PHE A 323 -1.30 -16.03 4.04
CA PHE A 323 -0.53 -16.65 2.93
C PHE A 323 0.53 -15.69 2.30
N GLY A 324 0.91 -14.66 3.05
CA GLY A 324 2.01 -13.79 2.62
C GLY A 324 1.62 -12.57 1.80
N PHE A 325 0.30 -12.40 1.52
CA PHE A 325 -0.10 -11.27 0.69
C PHE A 325 -1.52 -10.85 1.14
N GLY A 326 -2.06 -9.88 0.43
CA GLY A 326 -3.27 -9.14 0.82
C GLY A 326 -2.82 -8.05 1.71
N GLY A 327 -3.75 -7.35 2.33
CA GLY A 327 -3.47 -6.23 3.20
C GLY A 327 -4.79 -5.83 3.88
N THR A 328 -4.70 -5.28 5.07
CA THR A 328 -5.90 -5.08 5.89
C THR A 328 -6.93 -4.14 5.28
N LEU A 329 -6.48 -3.10 4.57
CA LEU A 329 -7.36 -2.14 3.96
C LEU A 329 -7.52 -2.38 2.46
N ALA A 330 -6.93 -3.47 1.95
CA ALA A 330 -7.11 -3.79 0.54
C ALA A 330 -8.53 -4.27 0.23
N GLY A 331 -9.06 -3.78 -0.89
CA GLY A 331 -10.39 -4.18 -1.30
C GLY A 331 -11.50 -3.64 -0.43
N ASN A 332 -11.28 -2.50 0.20
CA ASN A 332 -12.27 -1.97 1.13
C ASN A 332 -13.44 -1.25 0.46
N ALA A 333 -14.48 -1.00 1.25
CA ALA A 333 -15.70 -0.42 0.70
C ALA A 333 -15.45 0.94 0.05
N LEU A 334 -14.59 1.73 0.66
CA LEU A 334 -14.31 3.07 0.12
C LEU A 334 -13.61 2.99 -1.22
N GLN A 335 -12.60 2.11 -1.35
CA GLN A 335 -11.94 1.91 -2.63
C GLN A 335 -12.91 1.47 -3.70
N LEU A 336 -13.78 0.49 -3.36
CA LEU A 336 -14.68 -0.05 -4.35
C LEU A 336 -15.72 1.00 -4.82
N ALA A 337 -16.19 1.84 -3.91
CA ALA A 337 -17.11 2.92 -4.29
C ALA A 337 -16.43 3.88 -5.30
N ALA A 338 -15.19 4.26 -4.99
CA ALA A 338 -14.45 5.16 -5.86
C ALA A 338 -14.16 4.54 -7.21
N MET A 339 -13.78 3.27 -7.23
CA MET A 339 -13.55 2.55 -8.49
C MET A 339 -14.82 2.48 -9.34
N ARG A 340 -15.96 2.20 -8.69
CA ARG A 340 -17.19 2.09 -9.43
C ARG A 340 -17.48 3.41 -10.13
N ALA A 341 -17.38 4.52 -9.38
CA ALA A 341 -17.60 5.81 -10.00
C ALA A 341 -16.62 6.08 -11.12
N THR A 342 -15.36 5.72 -10.92
CA THR A 342 -14.37 5.95 -11.94
C THR A 342 -14.66 5.20 -13.23
N PHE A 343 -14.93 3.90 -13.11
CA PHE A 343 -15.17 3.12 -14.30
C PHE A 343 -16.51 3.45 -14.97
N ALA A 344 -17.52 3.75 -14.17
CA ALA A 344 -18.88 4.00 -14.75
C ALA A 344 -18.98 5.40 -15.37
N GLU A 345 -18.36 6.39 -14.72
CA GLU A 345 -18.61 7.79 -15.04
C GLU A 345 -17.46 8.57 -15.60
N VAL A 346 -16.22 8.09 -15.40
CA VAL A 346 -15.05 8.90 -15.74
C VAL A 346 -14.25 8.35 -16.92
N MET A 347 -13.89 7.07 -16.88
CA MET A 347 -13.00 6.43 -17.86
C MET A 347 -13.80 5.97 -19.07
N THR A 348 -14.40 6.93 -19.75
CA THR A 348 -15.29 6.68 -20.86
C THR A 348 -14.62 6.97 -22.20
N GLU A 349 -15.25 6.48 -23.27
CA GLU A 349 -14.76 6.75 -24.63
C GLU A 349 -14.75 8.26 -24.87
N ASP A 350 -15.77 8.98 -24.42
CA ASP A 350 -15.82 10.44 -24.65
C ASP A 350 -14.69 11.17 -23.91
N ALA A 351 -14.41 10.70 -22.70
CA ALA A 351 -13.33 11.31 -21.90
C ALA A 351 -12.00 11.14 -22.65
N TYR A 352 -11.75 9.90 -23.08
CA TYR A 352 -10.49 9.64 -23.77
C TYR A 352 -10.41 10.40 -25.10
N ARG A 353 -11.51 10.54 -25.82
CA ARG A 353 -11.49 11.28 -27.06
C ARG A 353 -10.98 12.69 -26.83
N HIS A 354 -11.53 13.35 -25.82
CA HIS A 354 -11.08 14.69 -25.46
C HIS A 354 -9.61 14.70 -25.06
N MET A 355 -9.23 13.76 -24.20
CA MET A 355 -7.83 13.70 -23.74
C MET A 355 -6.87 13.51 -24.92
N PHE A 356 -7.26 12.67 -25.86
CA PHE A 356 -6.39 12.40 -27.05
C PHE A 356 -6.25 13.66 -27.93
N GLN A 357 -7.37 14.36 -28.14
CA GLN A 357 -7.29 15.57 -28.96
C GLN A 357 -6.31 16.60 -28.36
N LEU A 358 -6.44 16.81 -27.05
CA LEU A 358 -5.59 17.81 -26.39
C LEU A 358 -4.14 17.35 -26.33
N ALA A 359 -3.94 16.04 -26.08
CA ALA A 359 -2.57 15.49 -26.06
C ALA A 359 -1.90 15.56 -27.43
N ALA A 360 -2.67 15.31 -28.48
CA ALA A 360 -2.14 15.43 -29.84
C ALA A 360 -1.74 16.84 -30.15
N GLN A 361 -2.52 17.81 -29.69
CA GLN A 361 -2.21 19.23 -29.86
C GLN A 361 -0.87 19.54 -29.14
N LEU A 362 -0.73 19.04 -27.92
CA LEU A 362 0.45 19.31 -27.11
C LEU A 362 1.69 18.69 -27.78
N GLU A 363 1.56 17.44 -28.22
CA GLU A 363 2.62 16.72 -28.94
C GLU A 363 3.06 17.49 -30.19
N ALA A 364 2.10 17.90 -31.00
CA ALA A 364 2.39 18.62 -32.24
C ALA A 364 3.16 19.91 -31.96
N GLY A 365 2.75 20.63 -30.91
CA GLY A 365 3.45 21.86 -30.51
C GLY A 365 4.90 21.61 -30.07
N VAL A 366 5.10 20.61 -29.22
CA VAL A 366 6.46 20.27 -28.81
C VAL A 366 7.30 19.93 -30.05
N ARG A 367 6.75 19.09 -30.91
CA ARG A 367 7.51 18.64 -32.07
C ARG A 367 7.91 19.82 -32.97
N ALA A 368 6.98 20.76 -33.16
CA ALA A 368 7.28 21.93 -33.96
C ALA A 368 8.41 22.75 -33.36
N THR A 369 8.42 22.90 -32.05
CA THR A 369 9.50 23.62 -31.35
C THR A 369 10.85 22.92 -31.49
N LEU A 370 10.87 21.60 -31.28
CA LEU A 370 12.10 20.83 -31.42
C LEU A 370 12.67 20.93 -32.84
N GLU A 371 11.78 20.86 -33.83
CA GLU A 371 12.19 20.96 -35.23
C GLU A 371 12.71 22.37 -35.56
N GLU A 372 12.01 23.39 -35.11
CA GLU A 372 12.38 24.76 -35.41
C GLU A 372 13.73 25.12 -34.82
N LEU A 373 13.97 24.68 -33.58
CA LEU A 373 15.21 24.98 -32.88
C LEU A 373 16.33 24.00 -33.20
N ARG A 374 16.06 23.00 -34.04
CA ARG A 374 17.06 22.01 -34.51
C ARG A 374 17.64 21.23 -33.35
N LEU A 375 16.83 20.99 -32.32
CA LEU A 375 17.32 20.27 -31.16
C LEU A 375 17.42 18.79 -31.47
N PRO A 376 18.45 18.09 -30.96
CA PRO A 376 18.60 16.66 -31.17
C PRO A 376 17.76 15.88 -30.16
N TRP A 377 16.48 16.20 -30.13
CA TRP A 377 15.51 15.64 -29.18
C TRP A 377 14.31 15.11 -29.99
N HIS A 378 13.45 14.32 -29.33
CA HIS A 378 12.22 13.89 -29.99
C HIS A 378 11.11 13.80 -28.95
N VAL A 379 9.89 13.76 -29.45
CA VAL A 379 8.71 13.62 -28.62
C VAL A 379 7.87 12.46 -29.08
N THR A 380 7.26 11.78 -28.07
CA THR A 380 6.40 10.61 -28.25
C THR A 380 5.08 10.78 -27.51
N ARG A 381 4.00 10.22 -28.05
CA ARG A 381 2.68 10.25 -27.38
C ARG A 381 2.10 8.84 -27.34
N ILE A 382 1.53 8.49 -26.19
CA ILE A 382 0.69 7.31 -26.04
C ILE A 382 -0.64 7.79 -25.47
N GLY A 383 -1.60 7.98 -26.37
CA GLY A 383 -2.90 8.46 -25.96
C GLY A 383 -2.86 9.83 -25.32
N ALA A 384 -3.20 9.90 -24.05
CA ALA A 384 -3.25 11.13 -23.27
C ALA A 384 -1.91 11.61 -22.72
N ARG A 385 -0.84 10.81 -22.90
CA ARG A 385 0.43 11.05 -22.23
C ARG A 385 1.52 11.35 -23.27
N VAL A 386 2.24 12.48 -23.09
CA VAL A 386 3.22 12.97 -24.07
C VAL A 386 4.57 13.19 -23.38
N GLU A 387 5.66 12.67 -23.96
CA GLU A 387 6.98 12.88 -23.31
C GLU A 387 8.06 13.03 -24.36
N TYR A 388 8.98 13.95 -24.07
CA TYR A 388 10.16 14.12 -24.90
C TYR A 388 11.44 13.57 -24.21
N LEU A 389 12.44 13.29 -25.01
CA LEU A 389 13.71 12.72 -24.58
C LEU A 389 14.81 13.44 -25.35
N PHE A 390 15.98 13.56 -24.71
CA PHE A 390 17.08 14.35 -25.30
C PHE A 390 17.97 13.48 -26.21
N MET A 391 17.34 12.86 -27.19
CA MET A 391 18.06 12.15 -28.24
C MET A 391 17.26 12.25 -29.55
N THR A 392 17.96 12.10 -30.66
CA THR A 392 17.34 12.38 -31.95
C THR A 392 16.19 11.44 -32.35
N HIS A 393 16.33 10.17 -32.00
CA HIS A 393 15.46 9.11 -32.48
C HIS A 393 14.85 8.38 -31.28
N ALA A 394 13.70 7.76 -31.45
CA ALA A 394 13.13 6.96 -30.41
C ALA A 394 14.14 5.89 -29.95
N PRO A 395 14.26 5.71 -28.64
CA PRO A 395 15.15 4.69 -28.11
C PRO A 395 14.68 3.29 -28.45
N ARG A 396 15.61 2.39 -28.70
CA ARG A 396 15.25 1.00 -28.98
C ARG A 396 15.00 0.23 -27.67
N ASN A 397 15.56 0.72 -26.56
CA ASN A 397 15.43 0.07 -25.29
C ASN A 397 15.67 1.06 -24.15
N GLY A 398 15.43 0.60 -22.92
CA GLY A 398 15.62 1.45 -21.77
C GLY A 398 17.05 1.90 -21.56
N GLY A 399 18.01 1.01 -21.84
CA GLY A 399 19.40 1.39 -21.66
C GLY A 399 19.77 2.61 -22.50
N GLU A 400 19.30 2.65 -23.74
CA GLU A 400 19.53 3.79 -24.66
C GLU A 400 18.89 5.04 -24.14
N ALA A 401 17.65 4.88 -23.74
CA ALA A 401 16.86 5.98 -23.24
C ALA A 401 17.49 6.66 -22.05
N HIS A 402 18.04 5.83 -21.14
CA HIS A 402 18.63 6.36 -19.90
C HIS A 402 19.69 7.44 -20.13
N HIS A 403 20.43 7.32 -21.22
CA HIS A 403 21.49 8.32 -21.54
C HIS A 403 20.94 9.68 -21.97
N ALA A 404 19.68 9.69 -22.35
CA ALA A 404 19.00 10.91 -22.86
C ALA A 404 18.18 11.69 -21.83
N ARG A 405 18.60 11.52 -20.56
CA ARG A 405 18.04 12.18 -19.40
C ARG A 405 19.16 13.05 -18.78
N ASN A 406 18.80 14.17 -18.17
CA ASN A 406 19.73 15.10 -17.56
C ASN A 406 19.04 15.90 -16.50
N GLY A 407 19.53 15.79 -15.25
CA GLY A 407 18.88 16.40 -14.11
C GLY A 407 18.76 17.92 -14.18
N LEU A 408 19.83 18.56 -14.63
CA LEU A 408 19.89 20.00 -14.66
C LEU A 408 18.95 20.60 -15.73
N ILE A 409 18.99 20.06 -16.94
CA ILE A 409 18.13 20.56 -18.01
C ILE A 409 16.66 20.33 -17.60
N GLU A 410 16.38 19.12 -17.11
CA GLU A 410 15.03 18.79 -16.65
C GLU A 410 14.51 19.74 -15.57
N ALA A 411 15.34 20.00 -14.55
CA ALA A 411 14.94 20.90 -13.49
C ALA A 411 14.69 22.31 -14.00
N CYS A 412 15.57 22.80 -14.88
CA CYS A 412 15.39 24.12 -15.43
C CYS A 412 14.10 24.29 -16.23
N LEU A 413 13.79 23.35 -17.11
CA LEU A 413 12.56 23.43 -17.90
C LEU A 413 11.36 23.35 -16.99
N HIS A 414 11.40 22.42 -16.03
CA HIS A 414 10.27 22.26 -15.13
C HIS A 414 10.04 23.50 -14.29
N LEU A 415 11.12 24.10 -13.79
CA LEU A 415 10.96 25.28 -12.93
C LEU A 415 10.53 26.51 -13.70
N TYR A 416 11.05 26.70 -14.92
CA TYR A 416 10.64 27.82 -15.76
C TYR A 416 9.13 27.77 -15.97
N LEU A 417 8.60 26.59 -16.25
CA LEU A 417 7.16 26.42 -16.44
C LEU A 417 6.39 26.64 -15.14
N LEU A 418 6.89 26.08 -14.05
CA LEU A 418 6.21 26.22 -12.74
C LEU A 418 6.04 27.70 -12.35
N ASN A 419 7.14 28.45 -12.47
CA ASN A 419 7.11 29.88 -12.13
C ASN A 419 6.19 30.72 -13.01
N ARG A 420 5.73 30.16 -14.12
CA ARG A 420 4.81 30.83 -15.04
C ARG A 420 3.48 30.09 -15.16
N GLY A 421 3.16 29.27 -14.14
CA GLY A 421 1.80 28.74 -13.97
C GLY A 421 1.48 27.40 -14.66
N VAL A 422 2.49 26.57 -14.93
CA VAL A 422 2.25 25.24 -15.50
C VAL A 422 3.03 24.21 -14.65
N LEU A 423 2.33 23.23 -14.11
CA LEU A 423 2.96 22.13 -13.40
C LEU A 423 3.17 20.90 -14.29
N LEU A 424 4.37 20.39 -14.25
CA LEU A 424 4.76 19.16 -14.89
C LEU A 424 5.35 18.27 -13.80
N THR A 425 5.09 16.96 -13.87
CA THR A 425 5.62 16.09 -12.86
C THR A 425 7.13 16.12 -12.84
N PRO A 426 7.74 16.16 -11.64
CA PRO A 426 9.18 16.36 -11.66
C PRO A 426 9.95 15.17 -12.09
N PHE A 427 9.31 14.01 -12.16
CA PHE A 427 10.04 12.73 -12.39
C PHE A 427 10.16 12.34 -13.83
N HIS A 428 9.54 13.13 -14.72
CA HIS A 428 9.47 12.75 -16.15
C HIS A 428 9.60 14.05 -16.95
N ASN A 429 9.71 13.96 -18.27
CA ASN A 429 9.54 15.10 -19.17
C ASN A 429 8.20 14.95 -19.88
N MET A 430 7.15 14.67 -19.10
CA MET A 430 5.85 14.28 -19.65
C MET A 430 4.80 15.33 -19.28
N ALA A 431 3.73 15.33 -20.08
CA ALA A 431 2.50 16.07 -19.77
C ALA A 431 1.35 15.11 -20.02
N LEU A 432 0.37 15.16 -19.13
CA LEU A 432 -0.78 14.31 -19.17
C LEU A 432 -2.04 15.19 -19.26
N THR A 433 -2.93 14.86 -20.18
CA THR A 433 -4.20 15.57 -20.30
C THR A 433 -5.32 14.81 -19.60
N CYS A 434 -6.32 15.57 -19.14
CA CYS A 434 -7.49 15.00 -18.49
C CYS A 434 -8.74 15.63 -19.10
N PRO A 435 -9.93 15.15 -18.71
CA PRO A 435 -11.15 15.73 -19.31
C PRO A 435 -11.33 17.23 -19.10
N ALA A 436 -10.73 17.76 -18.00
CA ALA A 436 -10.82 19.19 -17.68
C ALA A 436 -9.74 20.07 -18.38
N THR A 437 -8.75 19.44 -19.02
CA THR A 437 -7.74 20.22 -19.75
C THR A 437 -8.41 20.97 -20.91
N ARG A 438 -8.00 22.22 -21.11
CA ARG A 438 -8.56 23.04 -22.18
C ARG A 438 -7.48 23.36 -23.21
N ALA A 439 -7.91 23.68 -24.43
CA ALA A 439 -6.96 24.04 -25.49
C ALA A 439 -6.03 25.17 -25.07
N GLU A 440 -6.56 26.17 -24.37
CA GLU A 440 -5.73 27.27 -23.87
C GLU A 440 -4.60 26.82 -22.94
N ASP A 441 -4.85 25.75 -22.20
CA ASP A 441 -3.86 25.25 -21.25
C ASP A 441 -2.70 24.62 -22.02
N VAL A 442 -3.03 23.90 -23.07
CA VAL A 442 -2.02 23.33 -23.96
C VAL A 442 -1.21 24.45 -24.65
N GLU A 443 -1.90 25.49 -25.11
CA GLU A 443 -1.21 26.62 -25.73
C GLU A 443 -0.25 27.29 -24.76
N LEU A 444 -0.65 27.42 -23.50
CA LEU A 444 0.24 28.01 -22.50
C LEU A 444 1.48 27.14 -22.31
N HIS A 445 1.30 25.85 -22.09
CA HIS A 445 2.44 24.94 -22.06
C HIS A 445 3.38 25.17 -23.25
N ASP A 446 2.80 25.17 -24.43
CA ASP A 446 3.58 25.21 -25.67
C ASP A 446 4.42 26.50 -25.73
N ARG A 447 3.76 27.63 -25.43
CA ARG A 447 4.44 28.92 -25.45
C ARG A 447 5.57 28.99 -24.44
N LEU A 448 5.32 28.53 -23.21
CA LEU A 448 6.33 28.61 -22.17
C LEU A 448 7.55 27.72 -22.47
N LEU A 449 7.31 26.54 -22.99
CA LEU A 449 8.42 25.65 -23.35
C LEU A 449 9.26 26.29 -24.46
N ARG A 450 8.59 26.86 -25.45
CA ARG A 450 9.29 27.53 -26.54
C ARG A 450 10.09 28.70 -26.06
N ASP A 451 9.50 29.49 -25.14
CA ASP A 451 10.21 30.61 -24.54
C ASP A 451 11.46 30.15 -23.79
N CYS A 452 11.32 29.10 -22.97
CA CYS A 452 12.42 28.62 -22.17
C CYS A 452 13.59 28.15 -23.06
N LEU A 453 13.27 27.32 -24.04
CA LEU A 453 14.28 26.79 -24.93
C LEU A 453 14.91 27.91 -25.76
N GLY A 454 14.13 28.90 -26.15
CA GLY A 454 14.70 30.00 -26.89
C GLY A 454 15.68 30.82 -26.05
N GLU A 455 15.36 31.01 -24.77
CA GLU A 455 16.28 31.73 -23.87
C GLU A 455 17.58 30.98 -23.72
N LEU A 456 17.52 29.67 -23.65
CA LEU A 456 18.67 28.80 -23.57
C LEU A 456 19.56 28.83 -24.81
N LEU A 457 18.99 29.05 -26.00
CA LEU A 457 19.72 29.05 -27.29
C LEU A 457 20.06 30.47 -27.80
N PHE B 5 -8.10 -28.83 24.73
CA PHE B 5 -8.82 -27.52 24.84
C PHE B 5 -10.07 -27.51 25.70
N GLY B 6 -10.39 -28.64 26.34
CA GLY B 6 -11.56 -28.68 27.18
C GLY B 6 -12.91 -28.79 26.54
N LEU B 7 -12.93 -28.99 25.23
CA LEU B 7 -14.12 -29.24 24.44
C LEU B 7 -13.95 -30.52 23.66
N ASP B 8 -15.08 -31.23 23.52
CA ASP B 8 -15.19 -32.40 22.64
C ASP B 8 -15.37 -31.92 21.18
N LEU B 9 -14.35 -32.17 20.36
CA LEU B 9 -14.38 -31.67 18.99
C LEU B 9 -15.54 -32.22 18.15
N ALA B 10 -16.05 -33.38 18.45
CA ALA B 10 -17.25 -33.86 17.78
C ALA B 10 -18.48 -33.01 18.12
N ARG B 11 -18.57 -32.57 19.38
CA ARG B 11 -19.68 -31.66 19.78
C ARG B 11 -19.52 -30.32 19.05
N VAL B 12 -18.26 -29.87 18.96
CA VAL B 12 -17.99 -28.62 18.24
C VAL B 12 -18.39 -28.75 16.76
N GLU B 13 -17.98 -29.83 16.14
CA GLU B 13 -18.37 -30.10 14.75
C GLU B 13 -19.90 -30.14 14.56
N THR B 14 -20.61 -30.79 15.49
CA THR B 14 -22.07 -30.86 15.43
C THR B 14 -22.72 -29.47 15.50
N LEU B 15 -22.29 -28.66 16.46
CA LEU B 15 -22.82 -27.30 16.58
C LEU B 15 -22.46 -26.48 15.35
N PHE B 16 -21.25 -26.67 14.86
CA PHE B 16 -20.78 -25.88 13.70
C PHE B 16 -21.60 -26.19 12.49
N LYS B 17 -21.87 -27.46 12.22
CA LYS B 17 -22.74 -27.83 11.11
C LYS B 17 -24.14 -27.21 11.21
N ARG B 18 -24.72 -27.24 12.41
CA ARG B 18 -26.03 -26.59 12.63
C ARG B 18 -25.93 -25.06 12.31
N GLU B 19 -24.84 -24.45 12.74
CA GLU B 19 -24.68 -22.98 12.56
C GLU B 19 -24.42 -22.62 11.08
N LEU B 20 -23.76 -23.52 10.37
CA LEU B 20 -23.58 -23.33 8.92
C LEU B 20 -24.96 -23.33 8.20
N ARG B 21 -25.84 -24.26 8.60
CA ARG B 21 -27.18 -24.26 8.04
C ARG B 21 -27.95 -22.98 8.40
N ARG B 22 -27.86 -22.59 9.67
CA ARG B 22 -28.49 -21.34 10.15
C ARG B 22 -27.97 -20.16 9.34
N PHE B 23 -26.67 -20.17 9.04
CA PHE B 23 -26.09 -19.06 8.31
C PHE B 23 -26.71 -18.94 6.91
N ASP B 24 -26.85 -20.09 6.24
CA ASP B 24 -27.46 -20.14 4.92
C ASP B 24 -28.90 -19.61 4.95
N GLU B 25 -29.68 -20.03 5.96
CA GLU B 25 -31.05 -19.63 6.08
C GLU B 25 -31.23 -18.16 6.34
N LEU B 26 -30.35 -17.59 7.15
CA LEU B 26 -30.45 -16.17 7.54
C LEU B 26 -29.91 -15.22 6.51
N HIS B 27 -28.98 -15.66 5.66
CA HIS B 27 -28.26 -14.72 4.79
C HIS B 27 -28.32 -15.09 3.29
N PRO B 28 -29.53 -15.32 2.74
CA PRO B 28 -29.59 -15.78 1.37
C PRO B 28 -29.11 -14.76 0.33
N ARG B 29 -29.34 -13.48 0.54
CA ARG B 29 -28.90 -12.50 -0.41
C ARG B 29 -27.36 -12.39 -0.45
N SER B 30 -26.68 -12.48 0.70
CA SER B 30 -25.21 -12.51 0.68
C SER B 30 -24.72 -13.76 -0.04
N ALA B 31 -25.41 -14.91 0.15
CA ALA B 31 -24.99 -16.13 -0.56
C ALA B 31 -25.19 -16.02 -2.07
N GLN B 32 -26.27 -15.40 -2.49
CA GLN B 32 -26.48 -15.14 -3.91
C GLN B 32 -25.39 -14.22 -4.48
N ALA B 33 -25.04 -13.19 -3.69
CA ALA B 33 -24.01 -12.29 -4.11
C ALA B 33 -22.66 -13.02 -4.26
N TYR B 34 -22.39 -13.95 -3.34
CA TYR B 34 -21.13 -14.72 -3.40
C TYR B 34 -21.04 -15.51 -4.70
N ARG B 35 -22.15 -16.12 -5.11
CA ARG B 35 -22.13 -16.92 -6.35
C ARG B 35 -21.70 -16.02 -7.52
N GLU B 36 -22.23 -14.81 -7.56
CA GLU B 36 -21.83 -13.88 -8.61
C GLU B 36 -20.41 -13.37 -8.45
N ASN B 37 -20.04 -12.99 -7.23
CA ASN B 37 -18.69 -12.46 -6.99
C ASN B 37 -17.61 -13.52 -7.27
N ARG B 38 -17.91 -14.82 -7.06
CA ARG B 38 -16.92 -15.85 -7.40
C ARG B 38 -16.62 -15.93 -8.90
N ARG B 39 -17.53 -15.42 -9.75
CA ARG B 39 -17.28 -15.38 -11.18
C ARG B 39 -16.21 -14.36 -11.60
N HIS B 40 -16.00 -13.31 -10.78
CA HIS B 40 -15.16 -12.22 -11.21
C HIS B 40 -14.04 -11.87 -10.26
N TRP B 41 -14.11 -12.32 -8.99
CA TRP B 41 -13.06 -12.11 -8.03
C TRP B 41 -12.36 -13.45 -7.81
N LEU B 42 -11.04 -13.45 -7.83
CA LEU B 42 -10.28 -14.72 -7.74
C LEU B 42 -10.70 -15.55 -6.51
N TYR B 43 -10.91 -14.89 -5.37
CA TYR B 43 -11.32 -15.56 -4.11
C TYR B 43 -12.71 -15.08 -3.64
N GLY B 44 -13.56 -14.63 -4.57
CA GLY B 44 -14.98 -14.35 -4.29
C GLY B 44 -15.29 -13.07 -3.55
N ALA B 45 -14.27 -12.24 -3.40
CA ALA B 45 -14.37 -10.93 -2.79
C ALA B 45 -13.08 -10.18 -3.21
N PRO B 46 -13.06 -8.85 -3.02
CA PRO B 46 -11.87 -8.08 -3.49
C PRO B 46 -10.54 -8.49 -2.85
N LEU B 47 -10.60 -8.97 -1.61
CA LEU B 47 -9.42 -9.38 -0.81
C LEU B 47 -9.65 -10.82 -0.40
N HIS B 48 -8.63 -11.67 -0.64
CA HIS B 48 -8.82 -13.09 -0.38
C HIS B 48 -9.09 -13.43 1.09
N TRP B 49 -8.60 -12.59 2.00
CA TRP B 49 -8.86 -12.78 3.42
C TRP B 49 -10.34 -12.79 3.73
N MET B 50 -11.15 -12.13 2.91
CA MET B 50 -12.59 -12.03 3.20
C MET B 50 -13.30 -13.36 3.05
N GLN B 51 -12.64 -14.33 2.38
CA GLN B 51 -13.17 -15.69 2.30
C GLN B 51 -13.11 -16.45 3.62
N GLN B 52 -12.40 -15.88 4.61
CA GLN B 52 -12.10 -16.58 5.84
C GLN B 52 -13.06 -16.24 6.96
N TRP B 53 -14.06 -15.38 6.74
CA TRP B 53 -15.16 -15.30 7.66
C TRP B 53 -15.84 -16.70 7.74
N PRO B 54 -16.43 -17.05 8.89
CA PRO B 54 -17.03 -18.37 9.00
C PRO B 54 -18.41 -18.30 8.35
N GLY B 55 -18.96 -19.41 8.02
CA GLY B 55 -20.16 -19.36 7.22
C GLY B 55 -19.72 -19.55 5.80
N ASN B 56 -20.71 -19.73 4.97
CA ASN B 56 -20.40 -20.18 3.64
C ASN B 56 -20.02 -19.04 2.68
N CYS B 57 -20.18 -17.80 3.11
CA CYS B 57 -19.67 -16.65 2.33
C CYS B 57 -19.48 -15.44 3.25
N PRO B 58 -18.64 -14.45 2.83
CA PRO B 58 -18.66 -13.18 3.58
C PRO B 58 -20.00 -12.46 3.42
N LEU B 59 -20.40 -11.79 4.48
CA LEU B 59 -21.55 -10.90 4.40
C LEU B 59 -21.29 -9.72 3.47
N LEU B 60 -22.30 -9.33 2.69
CA LEU B 60 -22.25 -8.03 2.02
C LEU B 60 -22.92 -6.98 2.90
N VAL B 61 -22.16 -5.93 3.18
CA VAL B 61 -22.63 -4.84 4.03
C VAL B 61 -23.45 -3.85 3.21
N LYS B 62 -24.59 -3.45 3.77
CA LYS B 62 -25.37 -2.35 3.22
C LYS B 62 -24.96 -1.00 3.79
N GLU B 63 -24.89 -0.90 5.10
CA GLU B 63 -24.42 0.32 5.74
C GLU B 63 -23.90 0.06 7.14
N ALA B 64 -23.05 0.95 7.60
CA ALA B 64 -22.43 0.88 8.92
C ALA B 64 -22.18 2.26 9.46
N GLN B 65 -22.34 2.41 10.76
CA GLN B 65 -22.08 3.66 11.47
C GLN B 65 -21.77 3.33 12.91
N GLY B 66 -20.69 3.89 13.46
CA GLY B 66 -20.30 3.56 14.81
C GLY B 66 -19.90 2.11 14.91
N ALA B 67 -20.54 1.39 15.84
CA ALA B 67 -20.37 -0.05 15.99
C ALA B 67 -21.54 -0.86 15.45
N ARG B 68 -22.36 -0.29 14.59
CA ARG B 68 -23.55 -0.97 14.06
C ARG B 68 -23.36 -1.22 12.59
N VAL B 69 -23.66 -2.43 12.17
CA VAL B 69 -23.58 -2.84 10.75
C VAL B 69 -24.92 -3.46 10.36
N THR B 70 -25.40 -3.13 9.16
CA THR B 70 -26.56 -3.81 8.58
C THR B 70 -26.15 -4.44 7.26
N ASP B 71 -26.47 -5.72 7.08
CA ASP B 71 -26.11 -6.44 5.85
C ASP B 71 -27.23 -6.34 4.78
N ILE B 72 -27.00 -6.91 3.62
CA ILE B 72 -27.97 -6.79 2.53
C ILE B 72 -29.20 -7.67 2.72
N ASP B 73 -29.18 -8.57 3.69
CA ASP B 73 -30.34 -9.33 4.14
C ASP B 73 -31.17 -8.61 5.21
N GLY B 74 -30.74 -7.40 5.61
CA GLY B 74 -31.41 -6.68 6.68
C GLY B 74 -31.08 -7.10 8.09
N GLN B 75 -30.11 -7.98 8.23
CA GLN B 75 -29.64 -8.39 9.56
C GLN B 75 -28.79 -7.28 10.14
N GLN B 76 -28.94 -7.06 11.43
CA GLN B 76 -28.20 -6.03 12.15
C GLN B 76 -27.22 -6.67 13.10
N TYR B 77 -26.05 -6.06 13.22
CA TYR B 77 -24.98 -6.53 14.06
C TYR B 77 -24.38 -5.42 14.89
N VAL B 78 -23.85 -5.80 16.05
CA VAL B 78 -22.86 -5.02 16.74
C VAL B 78 -21.51 -5.52 16.29
N ASP B 79 -20.63 -4.57 15.97
CA ASP B 79 -19.36 -4.87 15.35
C ASP B 79 -18.21 -4.66 16.33
N PHE B 80 -17.62 -5.78 16.78
CA PHE B 80 -16.38 -5.79 17.53
C PHE B 80 -15.13 -6.15 16.69
N ALA B 81 -15.36 -6.38 15.39
CA ALA B 81 -14.30 -6.63 14.40
C ALA B 81 -13.71 -5.33 13.86
N LEU B 82 -14.59 -4.38 13.59
CA LEU B 82 -14.20 -3.00 13.22
C LEU B 82 -13.15 -3.00 12.07
N GLY B 83 -13.49 -3.72 10.99
CA GLY B 83 -12.56 -3.74 9.85
C GLY B 83 -11.24 -4.38 10.13
N ASP B 84 -11.26 -5.39 11.02
CA ASP B 84 -10.04 -6.00 11.52
C ASP B 84 -9.07 -4.92 12.02
N SER B 85 -9.64 -4.00 12.82
CA SER B 85 -8.94 -2.87 13.40
C SER B 85 -8.73 -1.65 12.47
N GLY B 86 -9.04 -1.80 11.18
CA GLY B 86 -8.97 -0.66 10.25
C GLY B 86 -9.95 0.44 10.59
N ALA B 87 -11.03 0.08 11.27
CA ALA B 87 -12.04 1.00 11.77
C ALA B 87 -12.09 1.02 13.30
N MET B 88 -10.91 0.96 13.92
CA MET B 88 -10.79 0.91 15.37
C MET B 88 -11.59 1.94 16.13
N PHE B 89 -11.71 3.15 15.58
CA PHE B 89 -12.45 4.22 16.27
C PHE B 89 -13.89 4.34 15.83
N GLY B 90 -14.39 3.32 15.13
CA GLY B 90 -15.77 3.25 14.64
C GLY B 90 -15.87 3.46 13.15
N HIS B 91 -17.01 3.02 12.62
CA HIS B 91 -17.35 3.29 11.24
C HIS B 91 -17.89 4.71 11.09
N ALA B 92 -17.54 5.39 10.00
CA ALA B 92 -18.15 6.66 9.64
C ALA B 92 -18.01 7.67 10.78
N GLN B 93 -16.81 7.78 11.37
CA GLN B 93 -16.58 8.80 12.43
C GLN B 93 -16.89 10.15 11.77
N PRO B 94 -17.77 10.97 12.34
CA PRO B 94 -18.25 12.10 11.54
C PRO B 94 -17.15 13.10 11.16
N ALA B 95 -16.24 13.40 12.07
CA ALA B 95 -15.20 14.40 11.73
C ALA B 95 -14.26 13.84 10.64
N VAL B 96 -14.01 12.55 10.69
CA VAL B 96 -13.07 11.95 9.75
C VAL B 96 -13.75 11.83 8.36
N ALA B 97 -15.00 11.34 8.36
CA ALA B 97 -15.74 11.29 7.10
C ALA B 97 -15.92 12.66 6.47
N ASP B 98 -16.20 13.69 7.30
CA ASP B 98 -16.34 15.05 6.79
C ASP B 98 -15.01 15.53 6.17
N ALA B 99 -13.89 15.26 6.86
CA ALA B 99 -12.61 15.68 6.34
C ALA B 99 -12.25 15.00 5.00
N ILE B 100 -12.58 13.72 4.88
CA ILE B 100 -12.37 12.97 3.64
C ILE B 100 -13.24 13.53 2.51
N ALA B 101 -14.52 13.77 2.80
CA ALA B 101 -15.41 14.32 1.78
C ALA B 101 -14.91 15.71 1.31
N ARG B 102 -14.55 16.54 2.25
CA ARG B 102 -14.09 17.91 1.94
C ARG B 102 -12.83 17.87 1.13
N GLN B 103 -11.86 17.06 1.55
CA GLN B 103 -10.62 17.03 0.80
C GLN B 103 -10.75 16.42 -0.57
N ALA B 104 -11.58 15.40 -0.74
CA ALA B 104 -11.78 14.84 -2.05
C ALA B 104 -12.25 15.93 -3.07
N ARG B 105 -13.07 16.82 -2.59
CA ARG B 105 -13.60 17.92 -3.40
C ARG B 105 -12.63 19.03 -3.64
N ARG B 106 -11.46 19.00 -3.02
CA ARG B 106 -10.44 20.03 -3.29
C ARG B 106 -9.05 19.53 -3.60
N GLY B 107 -8.98 18.28 -4.03
CA GLY B 107 -7.74 17.68 -4.46
C GLY B 107 -7.27 16.60 -3.51
N SER B 108 -7.31 15.36 -3.98
N SER B 108 -7.28 15.37 -3.99
CA SER B 108 -6.92 14.23 -3.15
CA SER B 108 -6.92 14.27 -3.14
C SER B 108 -5.47 13.83 -3.30
C SER B 108 -5.49 13.80 -3.32
N THR B 109 -4.92 13.91 -4.52
CA THR B 109 -3.52 13.50 -4.71
C THR B 109 -2.84 14.39 -5.75
N LEU B 110 -1.84 15.13 -5.28
CA LEU B 110 -1.20 16.18 -6.05
C LEU B 110 0.31 16.01 -6.16
N MET B 111 0.87 14.98 -5.53
CA MET B 111 2.31 14.81 -5.37
C MET B 111 2.92 16.00 -4.63
N LEU B 112 2.09 16.63 -3.78
CA LEU B 112 2.46 17.83 -3.04
C LEU B 112 1.81 17.84 -1.68
N PRO B 113 2.44 18.53 -0.73
CA PRO B 113 1.82 18.72 0.61
C PRO B 113 0.70 19.76 0.59
N THR B 114 -0.08 19.75 1.65
CA THR B 114 -1.07 20.74 2.00
C THR B 114 -0.82 21.28 3.40
N GLU B 115 -1.62 22.25 3.84
CA GLU B 115 -1.44 22.78 5.16
C GLU B 115 -1.64 21.73 6.24
N ASP B 116 -2.44 20.70 5.96
CA ASP B 116 -2.66 19.67 6.97
C ASP B 116 -1.35 18.99 7.36
N SER B 117 -0.38 18.91 6.43
CA SER B 117 0.91 18.33 6.79
C SER B 117 1.66 19.05 7.92
N LEU B 118 1.46 20.35 8.00
CA LEU B 118 2.10 21.15 9.05
C LEU B 118 1.60 20.69 10.42
N TRP B 119 0.27 20.61 10.56
CA TRP B 119 -0.31 20.21 11.83
C TRP B 119 -0.02 18.78 12.17
N VAL B 120 -0.16 17.89 11.18
CA VAL B 120 0.03 16.48 11.45
C VAL B 120 1.47 16.14 11.85
N GLY B 121 2.45 16.76 11.18
CA GLY B 121 3.82 16.50 11.56
C GLY B 121 4.14 16.85 12.99
N ALA B 122 3.69 18.01 13.40
CA ALA B 122 3.91 18.49 14.78
C ALA B 122 3.17 17.59 15.78
N GLU B 123 1.97 17.16 15.40
CA GLU B 123 1.16 16.31 16.28
C GLU B 123 1.81 14.95 16.49
N LEU B 124 2.33 14.34 15.41
CA LEU B 124 2.95 13.03 15.54
C LEU B 124 4.16 13.13 16.52
N ALA B 125 4.96 14.17 16.38
CA ALA B 125 6.09 14.36 17.26
C ALA B 125 5.67 14.56 18.71
N ARG B 126 4.62 15.34 18.92
CA ARG B 126 4.08 15.56 20.26
C ARG B 126 3.56 14.30 20.90
N ARG B 127 2.72 13.61 20.12
CA ARG B 127 1.99 12.44 20.64
C ARG B 127 2.92 11.27 20.91
N PHE B 128 3.78 10.97 19.94
CA PHE B 128 4.55 9.73 19.97
C PHE B 128 6.02 9.89 20.35
N GLY B 129 6.47 11.11 20.53
CA GLY B 129 7.79 11.39 21.11
C GLY B 129 9.02 11.02 20.31
N LEU B 130 8.86 10.97 19.00
CA LEU B 130 9.97 10.93 18.09
C LEU B 130 9.84 12.12 17.14
N PRO B 131 10.99 12.69 16.72
CA PRO B 131 10.90 13.96 16.01
C PRO B 131 10.53 13.94 14.54
N TYR B 132 10.89 12.90 13.79
CA TYR B 132 10.79 12.94 12.32
C TYR B 132 9.93 11.80 11.81
N TRP B 133 9.09 12.12 10.82
CA TRP B 133 8.05 11.23 10.34
C TRP B 133 8.03 11.15 8.81
N GLN B 134 7.43 10.07 8.32
CA GLN B 134 7.06 9.88 6.92
C GLN B 134 5.73 9.13 6.85
N VAL B 135 5.06 9.22 5.70
CA VAL B 135 3.76 8.53 5.49
C VAL B 135 3.91 7.49 4.38
N THR B 136 3.24 6.36 4.57
CA THR B 136 3.17 5.30 3.53
C THR B 136 1.69 4.95 3.27
N THR B 137 1.43 4.02 2.36
CA THR B 137 0.04 3.55 2.11
C THR B 137 -0.34 2.33 2.91
N SER B 138 0.56 1.82 3.77
CA SER B 138 0.23 0.67 4.64
C SER B 138 1.28 0.46 5.71
N ALA B 139 0.88 -0.19 6.80
CA ALA B 139 1.84 -0.57 7.84
C ALA B 139 2.93 -1.50 7.26
N THR B 140 2.54 -2.40 6.38
CA THR B 140 3.54 -3.25 5.70
C THR B 140 4.64 -2.39 5.09
N ASP B 141 4.22 -1.40 4.31
CA ASP B 141 5.21 -0.58 3.63
C ASP B 141 6.09 0.20 4.59
N ALA B 142 5.50 0.73 5.67
CA ALA B 142 6.32 1.40 6.67
C ALA B 142 7.39 0.45 7.19
N ASN B 143 7.00 -0.76 7.54
CA ASN B 143 8.01 -1.77 7.98
C ASN B 143 9.05 -2.05 6.89
N ARG B 144 8.61 -2.28 5.64
CA ARG B 144 9.57 -2.60 4.58
C ARG B 144 10.59 -1.45 4.39
N PHE B 145 10.09 -0.24 4.41
CA PHE B 145 10.91 0.93 4.07
C PHE B 145 11.86 1.24 5.21
N VAL B 146 11.38 1.13 6.47
CA VAL B 146 12.28 1.29 7.61
C VAL B 146 13.38 0.23 7.55
N LEU B 147 13.06 -1.01 7.23
CA LEU B 147 14.08 -2.05 7.18
C LEU B 147 15.12 -1.72 6.10
N ARG B 148 14.69 -1.20 4.94
CA ARG B 148 15.62 -0.80 3.91
C ARG B 148 16.58 0.29 4.44
N LEU B 149 16.01 1.29 5.10
CA LEU B 149 16.84 2.36 5.63
C LEU B 149 17.80 1.84 6.69
N CYS B 150 17.37 0.89 7.53
CA CYS B 150 18.27 0.30 8.53
C CYS B 150 19.41 -0.48 7.90
N ARG B 151 19.13 -1.20 6.82
CA ARG B 151 20.19 -1.84 6.04
C ARG B 151 21.17 -0.83 5.47
N MET B 152 20.63 0.26 4.92
CA MET B 152 21.46 1.34 4.35
C MET B 152 22.37 1.97 5.39
N LEU B 153 21.80 2.33 6.54
CA LEU B 153 22.57 3.10 7.53
C LEU B 153 23.55 2.20 8.27
N SER B 154 23.25 0.91 8.40
CA SER B 154 24.06 0.03 9.24
C SER B 154 25.10 -0.76 8.46
N GLY B 155 24.85 -0.98 7.18
CA GLY B 155 25.65 -1.92 6.38
C GLY B 155 25.48 -3.36 6.73
N ARG B 156 24.46 -3.69 7.54
CA ARG B 156 24.13 -5.09 7.87
C ARG B 156 22.82 -5.51 7.23
N ASP B 157 22.64 -6.81 7.01
CA ASP B 157 21.54 -7.32 6.18
C ASP B 157 20.41 -8.01 6.92
N LYS B 158 20.62 -8.47 8.14
CA LYS B 158 19.60 -9.28 8.80
C LYS B 158 18.64 -8.50 9.65
N VAL B 159 17.41 -9.00 9.70
CA VAL B 159 16.43 -8.50 10.64
C VAL B 159 16.14 -9.61 11.65
N VAL B 160 16.03 -9.23 12.93
CA VAL B 160 15.50 -10.14 13.96
C VAL B 160 13.98 -9.89 14.06
N VAL B 161 13.24 -10.99 13.95
CA VAL B 161 11.86 -11.04 14.27
C VAL B 161 11.59 -12.13 15.28
N PHE B 162 10.37 -12.13 15.83
CA PHE B 162 9.98 -13.10 16.84
C PHE B 162 9.04 -14.16 16.29
N ASN B 163 9.13 -15.36 16.82
CA ASN B 163 8.34 -16.47 16.29
C ASN B 163 6.83 -16.13 16.48
N CYS B 164 6.06 -16.38 15.41
CA CYS B 164 4.60 -16.12 15.34
C CYS B 164 4.29 -14.62 15.42
N ASN B 165 5.22 -13.81 14.93
CA ASN B 165 4.98 -12.41 14.63
C ASN B 165 3.92 -12.21 13.56
N TYR B 166 3.42 -10.99 13.47
CA TYR B 166 2.87 -10.52 12.17
C TYR B 166 3.16 -9.05 12.02
N HIS B 167 3.73 -8.70 10.86
CA HIS B 167 4.09 -7.33 10.48
C HIS B 167 3.61 -6.93 9.10
N GLY B 168 2.65 -7.68 8.57
CA GLY B 168 2.22 -7.50 7.17
C GLY B 168 2.96 -8.37 6.19
N SER B 169 2.87 -7.98 4.90
CA SER B 169 3.50 -8.74 3.85
C SER B 169 4.97 -8.32 3.70
N VAL B 170 5.69 -8.49 4.80
CA VAL B 170 7.13 -8.25 4.91
C VAL B 170 7.77 -9.63 4.74
N ASP B 171 8.33 -9.91 3.59
CA ASP B 171 8.74 -11.30 3.28
C ASP B 171 9.76 -11.82 4.27
N GLU B 172 10.67 -10.97 4.71
CA GLU B 172 11.73 -11.41 5.63
C GLU B 172 11.20 -11.86 6.98
N SER B 173 9.97 -11.45 7.33
CA SER B 173 9.37 -11.85 8.59
C SER B 173 8.69 -13.19 8.57
N GLN B 174 8.53 -13.78 7.37
CA GLN B 174 7.63 -14.92 7.17
C GLN B 174 8.34 -16.25 7.46
N VAL B 175 8.69 -16.42 8.74
CA VAL B 175 9.43 -17.58 9.22
C VAL B 175 8.80 -18.12 10.50
N GLU B 176 9.15 -19.36 10.84
CA GLU B 176 8.77 -19.97 12.08
C GLU B 176 9.83 -20.98 12.50
N PHE B 177 9.71 -21.47 13.73
CA PHE B 177 10.58 -22.58 14.12
C PHE B 177 9.92 -23.91 13.79
N ASP B 178 10.70 -24.85 13.24
CA ASP B 178 10.21 -26.23 13.05
C ASP B 178 10.37 -27.01 14.35
N ALA B 179 10.07 -28.31 14.33
CA ALA B 179 10.07 -29.11 15.56
C ALA B 179 11.46 -29.25 16.19
N ALA B 180 12.51 -29.08 15.37
CA ALA B 180 13.88 -29.13 15.82
C ALA B 180 14.45 -27.78 16.24
N GLY B 181 13.64 -26.71 16.21
CA GLY B 181 14.11 -25.37 16.55
C GLY B 181 14.86 -24.68 15.43
N ARG B 182 14.73 -25.16 14.20
CA ARG B 182 15.37 -24.55 13.04
C ARG B 182 14.40 -23.53 12.43
N MET B 183 14.94 -22.40 11.95
CA MET B 183 14.14 -21.38 11.25
C MET B 183 13.81 -21.88 9.84
N VAL B 184 12.49 -21.95 9.55
CA VAL B 184 11.97 -22.38 8.25
C VAL B 184 10.90 -21.36 7.79
N PRO B 185 10.50 -21.43 6.51
CA PRO B 185 9.43 -20.54 6.08
C PRO B 185 8.15 -20.77 6.89
N ARG B 186 7.41 -19.70 7.16
CA ARG B 186 6.15 -19.79 7.92
C ARG B 186 5.18 -20.72 7.16
N ALA B 187 4.42 -21.52 7.90
CA ALA B 187 3.46 -22.43 7.28
C ALA B 187 2.48 -21.68 6.40
N GLY B 188 2.33 -22.15 5.19
CA GLY B 188 1.42 -21.52 4.26
C GLY B 188 1.94 -20.28 3.59
N VAL B 189 3.19 -19.88 3.87
CA VAL B 189 3.76 -18.69 3.24
C VAL B 189 4.98 -19.11 2.44
N HIS B 190 4.81 -19.11 1.12
CA HIS B 190 5.88 -19.53 0.21
C HIS B 190 7.11 -18.64 0.44
N PRO B 191 8.32 -19.21 0.33
CA PRO B 191 9.50 -18.34 0.57
C PRO B 191 9.74 -17.28 -0.49
N ASN B 192 9.08 -17.41 -1.64
CA ASN B 192 9.02 -16.33 -2.61
C ASN B 192 10.40 -15.93 -3.14
N GLY B 193 11.24 -16.97 -3.35
CA GLY B 193 12.58 -16.74 -3.86
C GLY B 193 13.62 -16.27 -2.85
N VAL B 194 13.22 -16.11 -1.58
CA VAL B 194 14.07 -15.65 -0.47
C VAL B 194 14.66 -16.92 0.16
N ARG B 195 15.94 -16.90 0.50
CA ARG B 195 16.54 -17.85 1.44
C ARG B 195 16.64 -17.14 2.77
N HIS B 196 15.75 -17.46 3.70
CA HIS B 196 15.63 -16.64 4.90
C HIS B 196 16.84 -16.68 5.81
N ALA B 197 17.67 -17.72 5.73
CA ALA B 197 18.93 -17.67 6.51
C ALA B 197 19.79 -16.45 6.17
N THR B 198 19.64 -15.89 4.97
CA THR B 198 20.40 -14.74 4.57
C THR B 198 19.80 -13.39 4.95
N THR B 199 18.51 -13.38 5.32
CA THR B 199 17.80 -12.13 5.65
C THR B 199 17.35 -11.98 7.09
N THR B 200 17.23 -13.09 7.82
CA THR B 200 16.45 -13.12 9.03
C THR B 200 17.13 -13.97 10.12
N ARG B 201 17.06 -13.48 11.36
CA ARG B 201 17.35 -14.30 12.55
C ARG B 201 16.06 -14.35 13.37
N LEU B 202 15.70 -15.55 13.81
CA LEU B 202 14.44 -15.75 14.54
C LEU B 202 14.72 -16.10 15.98
N VAL B 203 13.95 -15.50 16.89
CA VAL B 203 14.04 -15.75 18.32
C VAL B 203 12.60 -15.88 18.86
N GLU B 204 12.42 -16.58 19.97
CA GLU B 204 11.14 -16.47 20.71
C GLU B 204 11.13 -15.17 21.48
N PHE B 205 9.92 -14.59 21.59
CA PHE B 205 9.68 -13.47 22.49
C PHE B 205 10.03 -13.87 23.92
N ASN B 206 10.38 -12.89 24.76
CA ASN B 206 10.66 -13.14 26.17
C ASN B 206 11.82 -14.08 26.42
N ASP B 207 12.84 -13.99 25.57
CA ASP B 207 14.04 -14.82 25.69
C ASP B 207 15.30 -13.99 25.43
N LEU B 208 15.77 -13.34 26.48
CA LEU B 208 16.89 -12.43 26.32
C LEU B 208 18.21 -13.12 26.00
N ASP B 209 18.39 -14.35 26.49
CA ASP B 209 19.61 -15.08 26.16
C ASP B 209 19.65 -15.40 24.68
N ALA B 210 18.52 -15.85 24.13
CA ALA B 210 18.44 -16.14 22.71
C ALA B 210 18.59 -14.86 21.87
N LEU B 211 17.99 -13.77 22.32
CA LEU B 211 18.13 -12.49 21.64
C LEU B 211 19.59 -12.03 21.59
N GLU B 212 20.27 -12.15 22.72
CA GLU B 212 21.71 -11.79 22.79
C GLU B 212 22.51 -12.64 21.81
N ALA B 213 22.23 -13.93 21.79
CA ALA B 213 22.98 -14.84 20.87
C ALA B 213 22.77 -14.46 19.41
N ALA B 214 21.54 -14.08 19.06
CA ALA B 214 21.27 -13.63 17.68
C ALA B 214 22.01 -12.32 17.34
N LEU B 215 21.92 -11.31 18.21
CA LEU B 215 22.59 -10.04 17.94
C LEU B 215 24.13 -10.14 17.90
N ALA B 216 24.69 -11.08 18.66
CA ALA B 216 26.16 -11.19 18.80
C ALA B 216 26.87 -11.57 17.52
N HIS B 217 26.15 -12.05 16.52
CA HIS B 217 26.77 -12.30 15.22
C HIS B 217 27.20 -11.02 14.49
N GLY B 218 26.72 -9.85 14.90
CA GLY B 218 27.17 -8.60 14.28
C GLY B 218 26.57 -8.26 12.92
N ASP B 219 25.54 -9.01 12.51
CA ASP B 219 24.96 -8.89 11.17
C ASP B 219 23.51 -8.46 11.15
N VAL B 220 23.04 -7.92 12.28
CA VAL B 220 21.63 -7.53 12.42
C VAL B 220 21.50 -6.03 12.29
N ALA B 221 20.70 -5.61 11.31
CA ALA B 221 20.42 -4.20 11.09
C ALA B 221 19.37 -3.69 12.08
N ALA B 222 18.41 -4.54 12.43
CA ALA B 222 17.26 -4.12 13.24
C ALA B 222 16.57 -5.31 13.88
N VAL B 223 15.91 -5.01 15.01
CA VAL B 223 14.91 -5.89 15.59
C VAL B 223 13.55 -5.22 15.30
N LEU B 224 12.66 -5.99 14.68
CA LEU B 224 11.27 -5.57 14.37
C LEU B 224 10.32 -6.32 15.30
N THR B 225 9.52 -5.59 16.06
CA THR B 225 8.58 -6.28 16.99
C THR B 225 7.39 -5.42 17.33
N GLU B 226 6.25 -6.08 17.57
CA GLU B 226 5.22 -5.45 18.38
C GLU B 226 5.75 -5.39 19.83
N PRO B 227 5.29 -4.41 20.59
CA PRO B 227 5.76 -4.34 22.02
C PRO B 227 5.02 -5.34 22.92
N PHE B 228 3.93 -5.91 22.37
CA PHE B 228 3.07 -6.89 23.05
C PHE B 228 2.48 -7.64 21.86
N MET B 229 2.70 -8.95 21.76
CA MET B 229 2.28 -9.64 20.53
C MET B 229 0.78 -9.77 20.49
N THR B 230 0.19 -9.54 19.34
CA THR B 230 -1.27 -9.59 19.19
C THR B 230 -1.75 -10.46 18.07
N ASN B 231 -0.82 -11.10 17.35
CA ASN B 231 -1.19 -11.82 16.12
C ASN B 231 -1.01 -13.34 16.22
N VAL B 232 -1.03 -13.84 17.45
CA VAL B 232 -1.02 -15.29 17.73
C VAL B 232 -1.78 -15.51 19.04
N GLY B 233 -2.93 -14.88 19.15
CA GLY B 233 -3.39 -14.51 20.46
C GLY B 233 -2.47 -13.43 21.03
N MET B 234 -2.62 -13.14 22.29
CA MET B 234 -1.84 -12.09 22.92
C MET B 234 -0.71 -12.64 23.76
N VAL B 235 0.48 -12.13 23.53
CA VAL B 235 1.67 -12.51 24.29
C VAL B 235 2.24 -11.28 24.95
N PRO B 236 1.94 -11.09 26.23
CA PRO B 236 2.54 -9.93 26.91
C PRO B 236 4.04 -10.06 27.10
N PRO B 237 4.75 -8.94 27.07
CA PRO B 237 6.18 -8.95 27.43
C PRO B 237 6.33 -9.33 28.93
N ALA B 238 7.34 -10.14 29.20
CA ALA B 238 7.67 -10.51 30.57
C ALA B 238 8.22 -9.30 31.32
N GLU B 239 8.19 -9.38 32.64
CA GLU B 239 8.88 -8.42 33.47
C GLU B 239 10.34 -8.35 33.06
N GLY B 240 10.81 -7.14 32.79
CA GLY B 240 12.18 -6.90 32.45
C GLY B 240 12.51 -7.11 30.97
N PHE B 241 11.57 -7.62 30.16
CA PHE B 241 11.90 -7.93 28.77
C PHE B 241 12.23 -6.66 27.96
N HIS B 242 11.37 -5.65 28.05
CA HIS B 242 11.66 -4.41 27.32
C HIS B 242 12.95 -3.75 27.73
N ALA B 243 13.28 -3.77 29.02
CA ALA B 243 14.52 -3.19 29.46
C ALA B 243 15.73 -3.93 28.83
N GLY B 244 15.67 -5.25 28.81
CA GLY B 244 16.67 -6.09 28.19
C GLY B 244 16.76 -5.92 26.68
N LEU B 245 15.61 -5.89 26.03
CA LEU B 245 15.55 -5.66 24.59
C LEU B 245 16.19 -4.33 24.23
N ARG B 246 15.86 -3.27 24.96
CA ARG B 246 16.42 -1.97 24.65
C ARG B 246 17.93 -1.96 24.91
N GLU B 247 18.34 -2.54 26.03
CA GLU B 247 19.76 -2.52 26.38
C GLU B 247 20.61 -3.35 25.39
N LEU B 248 20.15 -4.56 25.05
CA LEU B 248 20.90 -5.43 24.13
C LEU B 248 21.01 -4.79 22.74
N THR B 249 19.91 -4.21 22.23
CA THR B 249 20.01 -3.60 20.91
C THR B 249 20.96 -2.40 20.95
N ARG B 250 20.93 -1.61 22.02
CA ARG B 250 21.92 -0.52 22.13
C ARG B 250 23.35 -1.01 22.15
N ARG B 251 23.61 -2.06 22.92
CA ARG B 251 24.96 -2.57 23.10
C ARG B 251 25.55 -3.05 21.79
N HIS B 252 24.69 -3.59 20.91
CA HIS B 252 25.07 -4.11 19.62
C HIS B 252 24.86 -3.09 18.42
N ASP B 253 24.52 -1.84 18.74
CA ASP B 253 24.20 -0.78 17.73
C ASP B 253 23.21 -1.31 16.71
N VAL B 254 22.13 -1.85 17.22
CA VAL B 254 21.03 -2.44 16.44
C VAL B 254 19.77 -1.58 16.64
N ALA B 255 19.10 -1.24 15.54
CA ALA B 255 17.88 -0.43 15.61
C ALA B 255 16.73 -1.25 16.18
N LEU B 256 15.93 -0.59 17.03
CA LEU B 256 14.74 -1.21 17.59
C LEU B 256 13.52 -0.54 16.93
N ILE B 257 12.79 -1.34 16.16
CA ILE B 257 11.57 -0.90 15.47
C ILE B 257 10.35 -1.46 16.22
N ILE B 258 9.52 -0.55 16.71
CA ILE B 258 8.34 -0.91 17.47
C ILE B 258 7.10 -0.65 16.60
N ASP B 259 6.37 -1.72 16.33
CA ASP B 259 5.18 -1.74 15.46
C ASP B 259 3.95 -1.75 16.32
N GLU B 260 3.25 -0.61 16.33
CA GLU B 260 2.10 -0.33 17.18
C GLU B 260 0.77 -0.43 16.46
N THR B 261 0.78 -1.02 15.27
CA THR B 261 -0.43 -1.13 14.46
C THR B 261 -1.66 -1.69 15.20
N HIS B 262 -1.43 -2.67 16.07
CA HIS B 262 -2.45 -3.12 17.03
C HIS B 262 -2.33 -2.56 18.43
N THR B 263 -1.11 -2.44 18.95
CA THR B 263 -0.93 -2.04 20.34
C THR B 263 -1.24 -0.58 20.61
N ILE B 264 -1.58 0.19 19.56
CA ILE B 264 -2.22 1.49 19.73
C ILE B 264 -3.51 1.41 20.56
N SER B 265 -4.06 0.20 20.70
CA SER B 265 -5.15 -0.02 21.67
C SER B 265 -4.79 0.31 23.12
N CYS B 266 -3.51 0.36 23.46
N CYS B 266 -3.51 0.33 23.45
CA CYS B 266 -3.05 0.56 24.83
CA CYS B 266 -3.05 0.52 24.80
C CYS B 266 -3.29 1.96 25.37
C CYS B 266 -3.31 1.94 25.33
N GLY B 267 -3.34 2.92 24.45
CA GLY B 267 -3.59 4.30 24.87
C GLY B 267 -3.24 5.26 23.77
N PRO B 268 -3.47 6.55 24.02
CA PRO B 268 -3.34 7.53 22.94
C PRO B 268 -1.92 7.72 22.39
N ALA B 269 -0.90 7.30 23.14
CA ALA B 269 0.50 7.34 22.70
C ALA B 269 1.04 5.94 22.49
N GLY B 270 0.14 4.96 22.34
CA GLY B 270 0.58 3.58 22.16
C GLY B 270 1.11 2.94 23.43
N TYR B 271 1.48 1.68 23.29
CA TYR B 271 2.18 1.00 24.36
C TYR B 271 3.49 1.73 24.74
N SER B 272 4.18 2.22 23.72
CA SER B 272 5.47 2.90 23.92
C SER B 272 5.32 4.11 24.81
N GLY B 273 4.24 4.88 24.65
CA GLY B 273 4.02 6.04 25.47
C GLY B 273 3.48 5.74 26.83
N ALA B 274 2.83 4.60 27.02
CA ALA B 274 2.42 4.17 28.35
C ALA B 274 3.61 3.70 29.17
N HIS B 275 4.48 2.91 28.53
CA HIS B 275 5.54 2.12 29.22
C HIS B 275 6.93 2.65 29.06
N GLY B 276 7.08 3.85 28.50
CA GLY B 276 8.37 4.49 28.48
C GLY B 276 9.35 3.78 27.57
N LEU B 277 8.88 3.23 26.46
CA LEU B 277 9.82 2.62 25.54
C LEU B 277 10.57 3.74 24.80
N GLU B 278 11.70 3.33 24.25
CA GLU B 278 12.61 4.24 23.56
C GLU B 278 12.88 3.69 22.16
N PRO B 279 11.83 3.66 21.30
CA PRO B 279 12.04 3.12 19.95
C PRO B 279 13.02 3.96 19.16
N ASP B 280 13.79 3.30 18.33
CA ASP B 280 14.52 3.99 17.27
C ASP B 280 13.63 4.35 16.11
N PHE B 281 12.70 3.43 15.80
CA PHE B 281 11.64 3.67 14.81
C PHE B 281 10.33 3.20 15.38
N PHE B 282 9.26 3.89 14.98
CA PHE B 282 7.90 3.61 15.48
C PHE B 282 7.01 3.53 14.23
N VAL B 283 6.23 2.46 14.11
CA VAL B 283 5.34 2.22 12.99
C VAL B 283 3.88 2.12 13.42
N LEU B 284 2.97 2.80 12.72
CA LEU B 284 1.56 2.72 13.02
C LEU B 284 0.70 2.81 11.77
N GLY B 285 0.02 1.72 11.42
CA GLY B 285 -0.93 1.76 10.34
C GLY B 285 -2.34 1.37 10.77
N CYS B 287 -5.48 2.11 11.30
CA CYS B 287 -6.66 2.83 11.82
C CYS B 287 -6.59 4.34 11.80
N ILE B 288 -5.53 4.92 11.24
CA ILE B 288 -5.28 6.37 11.46
C ILE B 288 -5.82 7.32 10.42
N ALA B 289 -6.47 6.80 9.38
CA ALA B 289 -6.91 7.64 8.28
C ALA B 289 -8.31 7.27 7.78
N GLY B 290 -9.19 6.84 8.69
CA GLY B 290 -10.61 6.69 8.33
C GLY B 290 -10.91 5.69 7.30
N GLY B 291 -10.03 4.68 7.13
CA GLY B 291 -10.23 3.72 6.07
C GLY B 291 -9.56 4.03 4.74
N ILE B 292 -8.90 5.20 4.63
CA ILE B 292 -7.95 5.41 3.55
C ILE B 292 -6.67 4.64 3.89
N PRO B 293 -6.18 3.78 2.98
CA PRO B 293 -4.95 3.01 3.27
C PRO B 293 -3.81 3.98 3.61
N SER B 294 -3.19 3.80 4.77
N SER B 294 -3.23 3.82 4.80
CA SER B 294 -2.21 4.70 5.28
CA SER B 294 -2.23 4.73 5.31
C SER B 294 -1.43 4.11 6.44
C SER B 294 -1.41 4.08 6.41
N ALA B 295 -0.23 4.64 6.65
CA ALA B 295 0.51 4.40 7.87
C ALA B 295 1.50 5.56 8.04
N VAL B 296 2.01 5.71 9.26
CA VAL B 296 3.12 6.58 9.54
C VAL B 296 4.28 5.77 10.09
N TRP B 297 5.47 6.32 9.90
CA TRP B 297 6.60 5.89 10.67
C TRP B 297 7.41 7.05 11.11
N GLY B 298 8.00 6.88 12.28
CA GLY B 298 8.82 7.94 12.92
C GLY B 298 10.18 7.38 13.32
N CYS B 299 11.15 8.29 13.45
CA CYS B 299 12.45 7.91 13.93
C CYS B 299 13.03 8.94 14.85
N SER B 300 13.98 8.45 15.66
CA SER B 300 14.68 9.34 16.59
C SER B 300 15.58 10.32 15.89
N GLN B 301 16.01 11.35 16.61
CA GLN B 301 17.01 12.28 16.09
C GLN B 301 18.27 11.55 15.63
N ALA B 302 18.76 10.62 16.46
CA ALA B 302 19.98 9.93 16.14
C ALA B 302 19.87 9.13 14.86
N GLN B 303 18.73 8.48 14.65
CA GLN B 303 18.53 7.74 13.41
C GLN B 303 18.37 8.68 12.23
N ALA B 304 17.66 9.80 12.40
CA ALA B 304 17.54 10.77 11.31
C ALA B 304 18.90 11.22 10.80
N GLU B 305 19.81 11.51 11.73
CA GLU B 305 21.12 11.96 11.33
C GLU B 305 21.85 10.86 10.52
N ARG B 306 21.71 9.59 10.94
CA ARG B 306 22.34 8.50 10.21
C ARG B 306 21.71 8.27 8.86
N ILE B 307 20.40 8.43 8.76
CA ILE B 307 19.71 8.35 7.45
C ILE B 307 20.13 9.46 6.52
N TRP B 308 20.13 10.70 7.00
CA TRP B 308 20.55 11.83 6.13
C TRP B 308 21.99 11.64 5.64
N ALA B 309 22.85 11.02 6.44
CA ALA B 309 24.22 10.78 5.97
C ALA B 309 24.34 9.80 4.81
N VAL B 310 23.43 8.84 4.72
CA VAL B 310 23.40 7.92 3.60
C VAL B 310 22.44 8.34 2.46
N LEU B 311 21.47 9.21 2.76
CA LEU B 311 20.48 9.68 1.81
C LEU B 311 20.27 11.17 2.11
N PRO B 312 21.15 12.01 1.56
CA PRO B 312 21.05 13.43 1.88
C PRO B 312 19.78 14.10 1.33
N HIS B 313 19.43 15.21 1.93
CA HIS B 313 18.38 16.05 1.34
C HIS B 313 18.65 16.31 -0.15
N PHE B 314 17.58 16.20 -0.95
CA PHE B 314 17.70 16.37 -2.41
C PHE B 314 18.19 17.75 -2.78
N ARG B 315 19.07 17.84 -3.78
CA ARG B 315 19.62 19.10 -4.23
C ARG B 315 18.96 19.54 -5.53
N PRO B 316 18.71 20.84 -5.70
CA PRO B 316 18.20 21.36 -7.00
C PRO B 316 19.01 20.89 -8.18
N GLY B 317 18.34 20.31 -9.15
CA GLY B 317 19.06 19.82 -10.32
C GLY B 317 19.62 18.44 -10.23
N GLN B 318 19.54 17.81 -9.04
CA GLN B 318 19.96 16.43 -8.90
C GLN B 318 19.07 15.50 -9.74
N ALA B 319 19.63 14.40 -10.21
CA ALA B 319 18.84 13.41 -10.92
C ALA B 319 17.78 12.80 -9.95
N ILE B 320 16.54 12.76 -10.42
CA ILE B 320 15.43 12.14 -9.72
C ILE B 320 15.69 10.68 -9.37
N ASN B 321 15.26 10.26 -8.18
CA ASN B 321 15.30 8.84 -7.80
C ASN B 321 14.36 8.61 -6.63
N HIS B 322 13.67 7.47 -6.68
CA HIS B 322 12.83 7.00 -5.58
C HIS B 322 13.68 6.38 -4.48
N PHE B 323 14.88 5.88 -4.84
CA PHE B 323 15.77 5.20 -3.87
C PHE B 323 15.19 3.90 -3.33
N GLY B 324 14.21 3.31 -4.03
CA GLY B 324 13.68 2.03 -3.62
C GLY B 324 12.47 2.03 -2.69
N PHE B 325 12.03 3.20 -2.26
CA PHE B 325 10.91 3.30 -1.31
C PHE B 325 10.08 4.52 -1.60
N GLY B 326 9.05 4.77 -0.76
CA GLY B 326 7.98 5.73 -1.09
C GLY B 326 7.02 5.06 -1.99
N GLY B 327 6.00 5.82 -2.38
CA GLY B 327 4.98 5.35 -3.29
C GLY B 327 4.15 6.52 -3.80
N THR B 328 3.51 6.33 -4.96
CA THR B 328 2.96 7.49 -5.66
C THR B 328 1.86 8.22 -4.89
N LEU B 329 1.03 7.44 -4.17
CA LEU B 329 -0.07 8.05 -3.40
C LEU B 329 0.26 8.12 -1.93
N ALA B 330 1.50 7.85 -1.56
CA ALA B 330 1.89 8.00 -0.15
C ALA B 330 2.00 9.47 0.26
N GLY B 331 1.53 9.78 1.47
CA GLY B 331 1.58 11.13 1.97
C GLY B 331 0.68 12.10 1.25
N ASN B 332 -0.43 11.62 0.66
CA ASN B 332 -1.27 12.48 -0.13
C ASN B 332 -2.24 13.35 0.66
N ALA B 333 -2.83 14.33 -0.02
CA ALA B 333 -3.70 15.27 0.67
C ALA B 333 -4.88 14.61 1.39
N LEU B 334 -5.45 13.59 0.74
CA LEU B 334 -6.59 12.89 1.33
C LEU B 334 -6.20 12.15 2.62
N GLN B 335 -5.06 11.46 2.59
CA GLN B 335 -4.59 10.80 3.82
C GLN B 335 -4.36 11.81 4.93
N LEU B 336 -3.68 12.93 4.58
CA LEU B 336 -3.33 13.91 5.62
C LEU B 336 -4.56 14.56 6.25
N ALA B 337 -5.60 14.79 5.44
CA ALA B 337 -6.83 15.38 5.99
C ALA B 337 -7.48 14.40 6.99
N ALA B 338 -7.53 13.11 6.61
CA ALA B 338 -8.11 12.10 7.47
C ALA B 338 -7.31 11.90 8.76
N MET B 339 -5.97 11.91 8.64
CA MET B 339 -5.13 11.79 9.82
C MET B 339 -5.32 12.98 10.76
N ARG B 340 -5.41 14.19 10.19
CA ARG B 340 -5.57 15.37 11.04
C ARG B 340 -6.85 15.23 11.86
N ALA B 341 -7.95 14.88 11.20
CA ALA B 341 -9.19 14.74 11.93
C ALA B 341 -9.10 13.62 13.00
N THR B 342 -8.45 12.53 12.63
CA THR B 342 -8.26 11.44 13.58
C THR B 342 -7.47 11.85 14.83
N PHE B 343 -6.32 12.43 14.62
CA PHE B 343 -5.47 12.81 15.77
C PHE B 343 -6.03 13.99 16.55
N ALA B 344 -6.72 14.90 15.87
CA ALA B 344 -7.25 16.10 16.56
C ALA B 344 -8.52 15.79 17.35
N GLU B 345 -9.39 14.99 16.77
CA GLU B 345 -10.78 14.90 17.27
C GLU B 345 -11.20 13.52 17.71
N VAL B 346 -10.47 12.46 17.31
CA VAL B 346 -10.93 11.10 17.56
C VAL B 346 -10.11 10.35 18.63
N MET B 347 -8.79 10.38 18.51
CA MET B 347 -7.91 9.63 19.41
C MET B 347 -7.60 10.39 20.69
N THR B 348 -8.66 10.73 21.40
CA THR B 348 -8.60 11.58 22.58
C THR B 348 -8.62 10.77 23.87
N GLU B 349 -8.26 11.45 24.97
CA GLU B 349 -8.33 10.83 26.30
C GLU B 349 -9.75 10.35 26.58
N ASP B 350 -10.75 11.15 26.25
CA ASP B 350 -12.13 10.73 26.52
C ASP B 350 -12.54 9.51 25.70
N ALA B 351 -12.10 9.43 24.45
CA ALA B 351 -12.40 8.27 23.64
C ALA B 351 -11.80 7.00 24.23
N TYR B 352 -10.51 7.08 24.57
CA TYR B 352 -9.87 5.96 25.18
C TYR B 352 -10.49 5.55 26.53
N ARG B 353 -10.91 6.53 27.31
CA ARG B 353 -11.51 6.20 28.59
C ARG B 353 -12.80 5.36 28.37
N HIS B 354 -13.62 5.78 27.43
CA HIS B 354 -14.83 5.03 27.08
C HIS B 354 -14.49 3.63 26.57
N MET B 355 -13.56 3.57 25.67
CA MET B 355 -13.12 2.29 25.13
C MET B 355 -12.66 1.33 26.21
N PHE B 356 -11.89 1.86 27.15
CA PHE B 356 -11.35 1.03 28.24
C PHE B 356 -12.43 0.54 29.15
N GLN B 357 -13.40 1.39 29.47
CA GLN B 357 -14.49 0.95 30.33
C GLN B 357 -15.24 -0.24 29.71
N LEU B 358 -15.56 -0.11 28.44
CA LEU B 358 -16.35 -1.17 27.78
C LEU B 358 -15.50 -2.43 27.58
N ALA B 359 -14.23 -2.25 27.24
CA ALA B 359 -13.34 -3.39 27.09
C ALA B 359 -13.10 -4.12 28.41
N ALA B 360 -12.94 -3.36 29.50
CA ALA B 360 -12.77 -3.99 30.84
C ALA B 360 -14.01 -4.77 31.19
N GLN B 361 -15.20 -4.23 30.91
CA GLN B 361 -16.46 -4.92 31.14
C GLN B 361 -16.49 -6.24 30.34
N LEU B 362 -16.08 -6.18 29.06
CA LEU B 362 -16.13 -7.35 28.18
C LEU B 362 -15.14 -8.41 28.69
N GLU B 363 -13.93 -7.98 29.06
CA GLU B 363 -12.90 -8.86 29.60
C GLU B 363 -13.39 -9.57 30.85
N ALA B 364 -13.95 -8.80 31.78
CA ALA B 364 -14.42 -9.38 33.07
C ALA B 364 -15.50 -10.41 32.81
N GLY B 365 -16.41 -10.12 31.87
CA GLY B 365 -17.49 -11.03 31.50
C GLY B 365 -16.98 -12.33 30.91
N VAL B 366 -16.04 -12.24 29.97
CA VAL B 366 -15.44 -13.43 29.39
C VAL B 366 -14.80 -14.26 30.53
N ARG B 367 -14.02 -13.60 31.37
CA ARG B 367 -13.31 -14.30 32.41
C ARG B 367 -14.28 -15.03 33.34
N ALA B 368 -15.39 -14.37 33.69
CA ALA B 368 -16.39 -14.99 34.57
C ALA B 368 -16.96 -16.24 33.94
N THR B 369 -17.22 -16.21 32.64
CA THR B 369 -17.74 -17.36 31.91
C THR B 369 -16.71 -18.50 31.87
N LEU B 370 -15.44 -18.19 31.57
CA LEU B 370 -14.39 -19.20 31.54
C LEU B 370 -14.23 -19.87 32.90
N GLU B 371 -14.29 -19.08 33.96
CA GLU B 371 -14.12 -19.60 35.33
C GLU B 371 -15.32 -20.45 35.73
N GLU B 372 -16.52 -19.98 35.42
CA GLU B 372 -17.74 -20.72 35.75
C GLU B 372 -17.77 -22.08 35.08
N LEU B 373 -17.41 -22.12 33.80
CA LEU B 373 -17.45 -23.35 33.02
C LEU B 373 -16.19 -24.22 33.17
N ARG B 374 -15.20 -23.74 33.93
CA ARG B 374 -13.95 -24.46 34.18
C ARG B 374 -13.22 -24.80 32.87
N LEU B 375 -13.31 -23.89 31.89
CA LEU B 375 -12.55 -24.08 30.68
C LEU B 375 -11.07 -23.78 30.92
N PRO B 376 -10.15 -24.56 30.31
CA PRO B 376 -8.71 -24.34 30.47
C PRO B 376 -8.20 -23.27 29.53
N TRP B 377 -8.85 -22.11 29.61
CA TRP B 377 -8.62 -20.98 28.72
C TRP B 377 -8.38 -19.75 29.56
N HIS B 378 -7.87 -18.68 28.92
CA HIS B 378 -7.70 -17.43 29.64
C HIS B 378 -7.99 -16.28 28.70
N VAL B 379 -8.19 -15.13 29.30
CA VAL B 379 -8.44 -13.91 28.55
C VAL B 379 -7.48 -12.82 28.98
N THR B 380 -7.06 -12.03 28.00
CA THR B 380 -6.10 -10.91 28.17
C THR B 380 -6.67 -9.64 27.55
N ARG B 381 -6.37 -8.50 28.16
CA ARG B 381 -6.75 -7.20 27.64
C ARG B 381 -5.55 -6.29 27.55
N ILE B 382 -5.43 -5.60 26.40
CA ILE B 382 -4.50 -4.47 26.26
C ILE B 382 -5.36 -3.28 25.83
N GLY B 383 -5.72 -2.48 26.80
CA GLY B 383 -6.50 -1.32 26.53
C GLY B 383 -7.89 -1.68 25.97
N ALA B 384 -8.16 -1.25 24.74
CA ALA B 384 -9.47 -1.46 24.11
C ALA B 384 -9.64 -2.83 23.48
N ARG B 385 -8.59 -3.69 23.53
CA ARG B 385 -8.55 -4.91 22.76
C ARG B 385 -8.51 -6.08 23.71
N VAL B 386 -9.45 -7.03 23.54
CA VAL B 386 -9.60 -8.19 24.47
C VAL B 386 -9.51 -9.49 23.67
N GLU B 387 -8.71 -10.46 24.13
CA GLU B 387 -8.60 -11.71 23.39
C GLU B 387 -8.39 -12.85 24.33
N TYR B 388 -9.09 -13.94 24.04
CA TYR B 388 -8.84 -15.18 24.76
C TYR B 388 -8.04 -16.20 23.93
N LEU B 389 -7.46 -17.16 24.64
CA LEU B 389 -6.61 -18.20 24.06
C LEU B 389 -6.97 -19.48 24.79
N PHE B 390 -6.82 -20.60 24.07
CA PHE B 390 -7.26 -21.89 24.60
C PHE B 390 -6.17 -22.62 25.41
N MET B 391 -5.64 -21.92 26.41
CA MET B 391 -4.70 -22.46 27.35
C MET B 391 -4.90 -21.81 28.72
N THR B 392 -4.46 -22.48 29.79
CA THR B 392 -4.81 -22.01 31.13
C THR B 392 -4.15 -20.71 31.54
N HIS B 393 -2.94 -20.45 31.09
CA HIS B 393 -2.13 -19.31 31.54
C HIS B 393 -1.64 -18.52 30.35
N ALA B 394 -1.29 -17.26 30.55
CA ALA B 394 -0.73 -16.48 29.45
C ALA B 394 0.49 -17.17 28.86
N PRO B 395 0.59 -17.17 27.52
CA PRO B 395 1.74 -17.77 26.85
C PRO B 395 3.00 -16.97 27.14
N ARG B 396 4.12 -17.67 27.27
CA ARG B 396 5.40 -17.03 27.48
C ARG B 396 5.98 -16.50 26.16
N ASN B 397 5.55 -17.08 25.05
CA ASN B 397 6.07 -16.70 23.73
C ASN B 397 5.06 -17.10 22.65
N GLY B 398 5.34 -16.62 21.43
CA GLY B 398 4.47 -16.96 20.33
C GLY B 398 4.39 -18.43 19.99
N GLY B 399 5.48 -19.15 20.11
CA GLY B 399 5.44 -20.60 19.85
C GLY B 399 4.47 -21.33 20.73
N GLU B 400 4.40 -20.96 22.01
CA GLU B 400 3.45 -21.55 22.99
C GLU B 400 2.06 -21.19 22.62
N ALA B 401 1.88 -19.91 22.32
CA ALA B 401 0.56 -19.41 21.96
C ALA B 401 -0.02 -20.09 20.76
N HIS B 402 0.82 -20.37 19.77
CA HIS B 402 0.33 -20.98 18.49
C HIS B 402 -0.36 -22.32 18.73
N HIS B 403 0.08 -23.07 19.73
CA HIS B 403 -0.59 -24.36 20.06
C HIS B 403 -1.96 -24.23 20.68
N ALA B 404 -2.29 -23.05 21.17
CA ALA B 404 -3.61 -22.76 21.83
C ALA B 404 -4.63 -22.06 20.91
N ARG B 405 -4.39 -22.23 19.60
CA ARG B 405 -5.29 -21.78 18.54
C ARG B 405 -5.86 -23.05 17.86
N ASN B 406 -7.08 -22.95 17.35
CA ASN B 406 -7.77 -24.06 16.70
C ASN B 406 -8.81 -23.55 15.76
N GLY B 407 -8.68 -23.89 14.49
CA GLY B 407 -9.55 -23.33 13.46
C GLY B 407 -11.02 -23.65 13.63
N LEU B 408 -11.30 -24.88 14.04
CA LEU B 408 -12.67 -25.36 14.15
C LEU B 408 -13.41 -24.69 15.32
N ILE B 409 -12.78 -24.64 16.50
CA ILE B 409 -13.41 -24.01 17.66
C ILE B 409 -13.61 -22.53 17.35
N GLU B 410 -12.57 -21.90 16.78
CA GLU B 410 -12.67 -20.49 16.43
C GLU B 410 -13.83 -20.21 15.45
N ALA B 411 -13.96 -21.02 14.41
CA ALA B 411 -15.02 -20.82 13.44
C ALA B 411 -16.39 -21.01 14.08
N CYS B 412 -16.52 -22.02 14.92
CA CYS B 412 -17.78 -22.24 15.59
C CYS B 412 -18.22 -21.11 16.49
N LEU B 413 -17.32 -20.62 17.34
CA LEU B 413 -17.67 -19.50 18.24
C LEU B 413 -17.99 -18.26 17.42
N HIS B 414 -17.16 -17.99 16.40
CA HIS B 414 -17.39 -16.79 15.60
C HIS B 414 -18.72 -16.86 14.85
N LEU B 415 -19.05 -18.02 14.32
CA LEU B 415 -20.30 -18.17 13.56
C LEU B 415 -21.52 -18.10 14.45
N TYR B 416 -21.46 -18.73 15.63
CA TYR B 416 -22.57 -18.71 16.59
C TYR B 416 -22.92 -17.24 16.91
N LEU B 417 -21.87 -16.43 17.16
CA LEU B 417 -22.08 -15.02 17.48
C LEU B 417 -22.62 -14.26 16.27
N LEU B 418 -22.03 -14.51 15.10
CA LEU B 418 -22.47 -13.81 13.87
C LEU B 418 -23.96 -14.02 13.59
N ASN B 419 -24.40 -15.26 13.68
CA ASN B 419 -25.79 -15.60 13.43
C ASN B 419 -26.78 -14.98 14.42
N ARG B 420 -26.26 -14.48 15.55
CA ARG B 420 -27.08 -13.84 16.58
C ARG B 420 -26.72 -12.36 16.76
N GLY B 421 -26.08 -11.76 15.75
CA GLY B 421 -25.91 -10.33 15.69
C GLY B 421 -24.65 -9.71 16.28
N VAL B 422 -23.59 -10.49 16.44
CA VAL B 422 -22.29 -9.93 16.90
C VAL B 422 -21.17 -10.35 15.96
N LEU B 423 -20.48 -9.36 15.40
CA LEU B 423 -19.33 -9.61 14.52
C LEU B 423 -18.02 -9.54 15.28
N LEU B 424 -17.22 -10.58 15.09
CA LEU B 424 -15.85 -10.62 15.61
C LEU B 424 -14.95 -10.87 14.43
N THR B 425 -13.74 -10.28 14.45
CA THR B 425 -12.84 -10.50 13.33
C THR B 425 -12.51 -11.96 13.20
N PRO B 426 -12.51 -12.50 11.98
CA PRO B 426 -12.34 -13.95 11.88
C PRO B 426 -10.95 -14.40 12.17
N PHE B 427 -9.99 -13.48 12.21
CA PHE B 427 -8.58 -13.87 12.27
C PHE B 427 -8.04 -13.98 13.68
N HIS B 428 -8.85 -13.64 14.68
CA HIS B 428 -8.38 -13.59 16.07
C HIS B 428 -9.54 -14.09 16.95
N ASN B 429 -9.31 -14.27 18.23
CA ASN B 429 -10.35 -14.49 19.18
C ASN B 429 -10.51 -13.19 20.03
N MET B 430 -10.61 -12.06 19.32
CA MET B 430 -10.52 -10.76 19.91
C MET B 430 -11.82 -9.99 19.69
N ALA B 431 -12.04 -9.01 20.58
CA ALA B 431 -13.09 -8.00 20.46
C ALA B 431 -12.43 -6.67 20.74
N LEU B 432 -12.79 -5.70 19.91
CA LEU B 432 -12.25 -4.34 20.01
C LEU B 432 -13.42 -3.37 20.26
N THR B 433 -13.28 -2.48 21.24
CA THR B 433 -14.23 -1.43 21.51
C THR B 433 -13.87 -0.14 20.84
N CYS B 434 -14.89 0.69 20.56
CA CYS B 434 -14.70 2.01 19.98
C CYS B 434 -15.57 3.01 20.75
N PRO B 435 -15.44 4.28 20.45
CA PRO B 435 -16.28 5.27 21.18
C PRO B 435 -17.78 5.06 21.04
N ALA B 436 -18.21 4.44 19.93
CA ALA B 436 -19.63 4.17 19.69
C ALA B 436 -20.16 2.88 20.31
N THR B 437 -19.26 2.02 20.81
CA THR B 437 -19.70 0.79 21.50
C THR B 437 -20.54 1.14 22.71
N ARG B 438 -21.63 0.40 22.93
CA ARG B 438 -22.52 0.65 24.05
C ARG B 438 -22.45 -0.52 25.05
N ALA B 439 -22.78 -0.27 26.30
CA ALA B 439 -22.83 -1.32 27.31
C ALA B 439 -23.70 -2.49 26.90
N GLU B 440 -24.84 -2.20 26.26
CA GLU B 440 -25.72 -3.28 25.82
C GLU B 440 -25.05 -4.21 24.78
N ASP B 441 -24.11 -3.64 24.00
CA ASP B 441 -23.43 -4.41 22.99
C ASP B 441 -22.47 -5.40 23.65
N VAL B 442 -21.80 -4.94 24.70
CA VAL B 442 -20.97 -5.81 25.49
C VAL B 442 -21.80 -6.92 26.16
N GLU B 443 -22.95 -6.55 26.69
CA GLU B 443 -23.81 -7.54 27.33
C GLU B 443 -24.29 -8.61 26.33
N LEU B 444 -24.58 -8.18 25.10
CA LEU B 444 -25.00 -9.15 24.09
C LEU B 444 -23.84 -10.11 23.77
N HIS B 445 -22.64 -9.57 23.51
CA HIS B 445 -21.48 -10.44 23.33
C HIS B 445 -21.35 -11.45 24.47
N ASP B 446 -21.42 -10.95 25.70
CA ASP B 446 -21.17 -11.76 26.88
C ASP B 446 -22.17 -12.92 26.98
N ARG B 447 -23.44 -12.61 26.75
CA ARG B 447 -24.51 -13.60 26.84
C ARG B 447 -24.38 -14.64 25.73
N LEU B 448 -24.11 -14.19 24.51
CA LEU B 448 -24.02 -15.13 23.40
C LEU B 448 -22.82 -16.11 23.54
N LEU B 449 -21.68 -15.57 24.00
CA LEU B 449 -20.52 -16.42 24.24
C LEU B 449 -20.81 -17.48 25.30
N ARG B 450 -21.46 -17.04 26.39
CA ARG B 450 -21.82 -17.95 27.46
C ARG B 450 -22.80 -19.02 26.95
N ASP B 451 -23.78 -18.62 26.13
CA ASP B 451 -24.73 -19.56 25.52
C ASP B 451 -24.01 -20.60 24.64
N CYS B 452 -23.09 -20.12 23.81
CA CYS B 452 -22.37 -21.02 22.90
C CYS B 452 -21.56 -22.04 23.64
N LEU B 453 -20.77 -21.57 24.59
CA LEU B 453 -19.92 -22.45 25.38
C LEU B 453 -20.75 -23.40 26.22
N GLY B 454 -21.88 -22.94 26.72
CA GLY B 454 -22.76 -23.80 27.49
C GLY B 454 -23.32 -24.91 26.66
N GLU B 455 -23.70 -24.61 25.41
CA GLU B 455 -24.23 -25.65 24.52
C GLU B 455 -23.19 -26.70 24.24
N LEU B 456 -21.95 -26.26 24.04
CA LEU B 456 -20.83 -27.17 23.81
C LEU B 456 -20.52 -28.07 25.00
N LEU B 457 -20.74 -27.61 26.24
CA LEU B 457 -20.42 -28.37 27.48
C LEU B 457 -21.62 -29.10 28.10
#